data_8QSL
#
_entry.id   8QSL
#
_cell.length_a   1.00
_cell.length_b   1.00
_cell.length_c   1.00
_cell.angle_alpha   90.00
_cell.angle_beta   90.00
_cell.angle_gamma   90.00
#
_symmetry.space_group_name_H-M   'P 1'
#
loop_
_entity.id
_entity.type
_entity.pdbx_description
1 polymer 'Solute carrier family 15 member 4'
2 non-polymer 'CHOLESTEROL HEMISUCCINATE'
3 non-polymer 2-acetamido-2-deoxy-beta-D-glucopyranose
4 non-polymer '(1S)-2-{[{[(2R)-2,3-DIHYDROXYPROPYL]OXY}(HYDROXY)PHOSPHORYL]OXY}-1-[(PALMITOYLOXY)METHYL]ETHYL STEARATE'
#
_entity_poly.entity_id   1
_entity_poly.type   'polypeptide(L)'
_entity_poly.pdbx_seq_one_letter_code
;MEGSGGGAGERAPAAGARRAAAAAAAAGAFAGRRAACGAVLLTELLERAAFYGITSNLVLFLNGAPFCWEGAQASEALLL
FMGLTYLGSPFGGWLADARLGRARAILLSLALYLLGMLAFPLLAAPATRAALCGSARLLNCTAPGPDAAARCCSPATFAG
LVLVGLGVATVKANITPFGADQVKDRGPEATRRFFNWFYWSINLGAILSLGGIAYIQQNVSFVTGYAIPTVCVGLAFVVF
LCGQSVFITKPPDGSAFTDMFKILTYSCCSQKRSGERQSNGEGIGVFQQSSKQSLFDSCKMSHGGPFTEEKVEDVKALVK
IVPVFLALIPYWTVYFQMQTTYVLQSLHLRIPEISNITTTPHTLPAAWLTMFDAVLILLLIPLKDKLVDPILRRHGLLPS
SLKRIAVGMFFVMCSAFAAGILESKRLNLVKEKTINQTIGNVVYHAADLSLWWQVPQYLLIGISEIFASIAGLEFAYSAA
PKSMQSAIMGLFFFFSGVGSFVGSGLLALVSIKAIGWMSSHTDFGNINGCYLNYYFFLLAAIQGATLLLFLIISVKYDHH
RDHQRSRANGVPTSRRA
;
_entity_poly.pdbx_strand_id   A,C
#
loop_
_chem_comp.id
_chem_comp.type
_chem_comp.name
_chem_comp.formula
NAG D-saccharide, beta linking 2-acetamido-2-deoxy-beta-D-glucopyranose 'C8 H15 N O6'
PGT non-polymer '(1S)-2-{[{[(2R)-2,3-DIHYDROXYPROPYL]OXY}(HYDROXY)PHOSPHORYL]OXY}-1-[(PALMITOYLOXY)METHYL]ETHYL STEARATE' 'C40 H79 O10 P'
Y01 non-polymer 'CHOLESTEROL HEMISUCCINATE' 'C31 H50 O4'
#
# COMPACT_ATOMS: atom_id res chain seq x y z
N GLY A 16 -11.63 14.83 -23.12
CA GLY A 16 -12.69 13.96 -22.55
C GLY A 16 -13.64 13.43 -23.61
N ALA A 17 -13.94 14.26 -24.62
CA ALA A 17 -14.83 13.84 -25.68
C ALA A 17 -14.22 12.73 -26.52
N ARG A 18 -12.89 12.73 -26.68
CA ARG A 18 -12.25 11.67 -27.44
C ARG A 18 -12.48 10.31 -26.81
N ARG A 19 -12.68 10.26 -25.49
CA ARG A 19 -13.02 8.99 -24.86
C ARG A 19 -14.32 8.44 -25.41
N ALA A 20 -15.32 9.31 -25.61
CA ALA A 20 -16.57 8.86 -26.22
C ALA A 20 -16.34 8.36 -27.64
N ALA A 21 -15.40 8.99 -28.37
CA ALA A 21 -15.08 8.49 -29.71
C ALA A 21 -14.54 7.07 -29.65
N ALA A 22 -13.69 6.78 -28.65
CA ALA A 22 -13.17 5.43 -28.48
C ALA A 22 -14.23 4.46 -27.95
N ALA A 23 -15.37 4.96 -27.49
CA ALA A 23 -16.42 4.06 -26.99
C ALA A 23 -16.90 3.13 -28.09
N ALA A 24 -16.84 3.55 -29.35
CA ALA A 24 -17.25 2.68 -30.44
C ALA A 24 -16.38 1.44 -30.50
N ALA A 25 -15.06 1.59 -30.33
CA ALA A 25 -14.17 0.44 -30.40
C ALA A 25 -14.47 -0.56 -29.30
N ALA A 26 -14.68 -0.08 -28.07
CA ALA A 26 -14.93 -0.98 -26.95
C ALA A 26 -16.14 -1.87 -27.24
N ALA A 27 -17.29 -1.26 -27.50
CA ALA A 27 -18.48 -2.04 -27.83
C ALA A 27 -18.35 -2.70 -29.20
N GLY A 28 -17.75 -2.01 -30.15
CA GLY A 28 -17.60 -2.51 -31.50
C GLY A 28 -16.40 -3.40 -31.74
N ALA A 29 -15.67 -3.76 -30.67
CA ALA A 29 -14.51 -4.63 -30.84
C ALA A 29 -14.91 -5.94 -31.52
N PHE A 30 -15.91 -6.62 -30.99
CA PHE A 30 -16.38 -7.88 -31.53
C PHE A 30 -17.33 -7.60 -32.70
N ALA A 31 -16.73 -7.13 -33.80
CA ALA A 31 -17.47 -6.88 -35.03
C ALA A 31 -17.73 -8.21 -35.69
N GLY A 32 -18.07 -8.23 -36.97
CA GLY A 32 -18.45 -9.48 -37.60
C GLY A 32 -17.28 -10.45 -37.69
N ARG A 33 -16.69 -10.76 -36.53
CA ARG A 33 -15.59 -11.70 -36.42
C ARG A 33 -15.67 -12.53 -35.15
N ARG A 34 -16.85 -12.62 -34.52
CA ARG A 34 -16.96 -13.24 -33.22
C ARG A 34 -16.62 -14.73 -33.25
N ALA A 35 -16.80 -15.37 -34.41
CA ALA A 35 -16.58 -16.82 -34.49
C ALA A 35 -15.13 -17.17 -34.18
N ALA A 36 -14.19 -16.41 -34.74
CA ALA A 36 -12.78 -16.72 -34.53
C ALA A 36 -12.41 -16.60 -33.07
N CYS A 37 -12.82 -15.50 -32.43
CA CYS A 37 -12.51 -15.32 -31.01
C CYS A 37 -13.16 -16.40 -30.17
N GLY A 38 -14.38 -16.80 -30.52
CA GLY A 38 -15.01 -17.90 -29.80
C GLY A 38 -14.22 -19.18 -29.92
N ALA A 39 -13.71 -19.48 -31.12
CA ALA A 39 -12.92 -20.68 -31.29
C ALA A 39 -11.65 -20.63 -30.46
N VAL A 40 -10.97 -19.48 -30.47
CA VAL A 40 -9.74 -19.35 -29.68
C VAL A 40 -10.04 -19.56 -28.20
N LEU A 41 -11.10 -18.92 -27.70
CA LEU A 41 -11.43 -19.05 -26.29
C LEU A 41 -11.78 -20.49 -25.93
N LEU A 42 -12.52 -21.17 -26.80
CA LEU A 42 -12.89 -22.55 -26.53
C LEU A 42 -11.65 -23.44 -26.48
N THR A 43 -10.72 -23.25 -27.42
CA THR A 43 -9.48 -24.01 -27.40
C THR A 43 -8.72 -23.76 -26.10
N GLU A 44 -8.64 -22.51 -25.68
CA GLU A 44 -7.94 -22.16 -24.46
C GLU A 44 -8.57 -22.87 -23.26
N LEU A 45 -9.91 -22.84 -23.19
CA LEU A 45 -10.60 -23.48 -22.08
C LEU A 45 -10.31 -24.97 -22.05
N LEU A 46 -10.42 -25.64 -23.20
CA LEU A 46 -10.19 -27.08 -23.23
C LEU A 46 -8.77 -27.42 -22.81
N GLU A 47 -7.79 -26.67 -23.32
CA GLU A 47 -6.41 -26.97 -23.01
C GLU A 47 -6.13 -26.76 -21.52
N ARG A 48 -6.66 -25.67 -20.95
CA ARG A 48 -6.47 -25.46 -19.51
C ARG A 48 -7.11 -26.57 -18.71
N ALA A 49 -8.31 -27.01 -19.11
CA ALA A 49 -8.96 -28.09 -18.40
C ALA A 49 -8.10 -29.33 -18.39
N ALA A 50 -7.54 -29.68 -19.55
CA ALA A 50 -6.69 -30.86 -19.63
C ALA A 50 -5.45 -30.69 -18.76
N PHE A 51 -4.82 -29.53 -18.82
CA PHE A 51 -3.59 -29.29 -18.07
C PHE A 51 -3.84 -29.41 -16.57
N TYR A 52 -4.92 -28.79 -16.09
CA TYR A 52 -5.22 -28.87 -14.66
C TYR A 52 -5.63 -30.27 -14.25
N GLY A 53 -6.33 -30.99 -15.11
CA GLY A 53 -6.63 -32.38 -14.80
C GLY A 53 -5.37 -33.21 -14.67
N ILE A 54 -4.37 -32.91 -15.50
CA ILE A 54 -3.11 -33.63 -15.43
C ILE A 54 -2.39 -33.31 -14.12
N THR A 55 -2.27 -32.03 -13.80
CA THR A 55 -1.46 -31.61 -12.66
C THR A 55 -2.18 -31.72 -11.33
N SER A 56 -3.49 -31.99 -11.32
CA SER A 56 -4.26 -31.90 -10.08
C SER A 56 -3.83 -32.96 -9.08
N ASN A 57 -3.76 -34.22 -9.51
CA ASN A 57 -3.45 -35.32 -8.60
C ASN A 57 -2.35 -36.21 -9.14
N LEU A 58 -1.42 -35.64 -9.90
CA LEU A 58 -0.32 -36.44 -10.45
C LEU A 58 0.48 -37.10 -9.34
N VAL A 59 0.77 -36.35 -8.28
CA VAL A 59 1.52 -36.91 -7.16
C VAL A 59 0.77 -38.09 -6.55
N LEU A 60 -0.52 -37.91 -6.28
CA LEU A 60 -1.31 -38.98 -5.68
C LEU A 60 -1.39 -40.17 -6.63
N PHE A 61 -1.57 -39.91 -7.92
CA PHE A 61 -1.63 -41.00 -8.89
C PHE A 61 -0.35 -41.82 -8.87
N LEU A 62 0.80 -41.14 -8.89
CA LEU A 62 2.07 -41.87 -8.89
C LEU A 62 2.25 -42.64 -7.59
N ASN A 63 1.99 -42.00 -6.45
CA ASN A 63 2.22 -42.65 -5.17
C ASN A 63 1.33 -43.87 -5.01
N GLY A 64 0.05 -43.74 -5.36
CA GLY A 64 -0.89 -44.83 -5.20
C GLY A 64 -0.90 -45.85 -6.30
N ALA A 65 -0.26 -45.56 -7.44
CA ALA A 65 -0.27 -46.48 -8.55
C ALA A 65 0.51 -47.74 -8.20
N PRO A 66 0.29 -48.83 -8.92
CA PRO A 66 1.06 -50.06 -8.64
C PRO A 66 2.55 -49.81 -8.71
N PHE A 67 2.97 -48.83 -9.50
CA PHE A 67 4.36 -48.37 -9.52
C PHE A 67 4.50 -47.36 -8.38
N CYS A 68 4.63 -47.89 -7.17
CA CYS A 68 4.61 -47.07 -5.96
C CYS A 68 5.95 -46.34 -5.83
N TRP A 69 5.98 -45.08 -6.24
CA TRP A 69 7.15 -44.26 -6.05
C TRP A 69 7.17 -43.71 -4.62
N GLU A 70 8.28 -43.05 -4.28
CA GLU A 70 8.36 -42.34 -3.02
C GLU A 70 7.80 -40.93 -3.19
N GLY A 71 7.28 -40.37 -2.10
CA GLY A 71 6.69 -39.05 -2.17
C GLY A 71 7.65 -38.01 -2.73
N ALA A 72 8.92 -38.09 -2.31
CA ALA A 72 9.92 -37.19 -2.86
C ALA A 72 10.07 -37.39 -4.35
N GLN A 73 10.03 -38.64 -4.81
CA GLN A 73 10.17 -38.91 -6.23
C GLN A 73 9.04 -38.27 -7.02
N ALA A 74 7.80 -38.44 -6.55
CA ALA A 74 6.66 -37.87 -7.26
C ALA A 74 6.71 -36.34 -7.25
N SER A 75 7.06 -35.75 -6.10
CA SER A 75 7.16 -34.30 -6.03
C SER A 75 8.22 -33.78 -6.99
N GLU A 76 9.37 -34.47 -7.05
CA GLU A 76 10.41 -34.08 -7.99
C GLU A 76 9.92 -34.19 -9.43
N ALA A 77 9.17 -35.25 -9.74
CA ALA A 77 8.64 -35.42 -11.09
C ALA A 77 7.74 -34.24 -11.46
N LEU A 78 6.82 -33.88 -10.56
CA LEU A 78 5.93 -32.77 -10.84
C LEU A 78 6.72 -31.48 -11.00
N LEU A 79 7.70 -31.26 -10.13
CA LEU A 79 8.48 -30.02 -10.19
C LEU A 79 9.22 -29.93 -11.52
N LEU A 80 9.83 -31.03 -11.96
CA LEU A 80 10.53 -31.03 -13.23
C LEU A 80 9.56 -30.80 -14.38
N PHE A 81 8.37 -31.39 -14.31
CA PHE A 81 7.38 -31.17 -15.35
C PHE A 81 7.02 -29.69 -15.47
N MET A 82 6.71 -29.06 -14.34
CA MET A 82 6.36 -27.64 -14.36
C MET A 82 7.53 -26.81 -14.86
N GLY A 83 8.75 -27.13 -14.41
CA GLY A 83 9.90 -26.40 -14.89
C GLY A 83 10.06 -26.51 -16.39
N LEU A 84 9.80 -27.70 -16.94
CA LEU A 84 9.85 -27.88 -18.38
C LEU A 84 8.80 -27.03 -19.07
N THR A 85 7.60 -26.98 -18.50
CA THR A 85 6.55 -26.12 -19.07
C THR A 85 7.01 -24.68 -19.13
N TYR A 86 7.66 -24.21 -18.05
CA TYR A 86 8.13 -22.83 -18.04
C TYR A 86 9.29 -22.62 -19.02
N LEU A 87 10.17 -23.61 -19.14
CA LEU A 87 11.39 -23.43 -19.92
C LEU A 87 11.10 -23.45 -21.42
N GLY A 88 10.22 -24.34 -21.87
CA GLY A 88 9.99 -24.48 -23.29
C GLY A 88 9.36 -23.25 -23.94
N SER A 89 8.78 -22.37 -23.15
CA SER A 89 7.98 -21.29 -23.71
C SER A 89 8.76 -20.39 -24.65
N PRO A 90 9.90 -19.82 -24.27
CA PRO A 90 10.64 -18.99 -25.25
C PRO A 90 11.03 -19.76 -26.50
N PHE A 91 11.40 -21.04 -26.35
CA PHE A 91 11.74 -21.84 -27.52
C PHE A 91 10.50 -22.11 -28.37
N GLY A 92 9.36 -22.35 -27.73
CA GLY A 92 8.13 -22.50 -28.48
C GLY A 92 7.80 -21.25 -29.29
N GLY A 93 7.96 -20.08 -28.67
CA GLY A 93 7.74 -18.84 -29.41
C GLY A 93 8.71 -18.67 -30.56
N TRP A 94 9.98 -19.00 -30.34
CA TRP A 94 10.96 -18.97 -31.42
C TRP A 94 10.51 -19.86 -32.57
N LEU A 95 10.10 -21.08 -32.25
CA LEU A 95 9.67 -22.00 -33.30
C LEU A 95 8.47 -21.43 -34.05
N ALA A 96 7.51 -20.86 -33.32
CA ALA A 96 6.33 -20.31 -33.96
C ALA A 96 6.69 -19.17 -34.90
N ASP A 97 7.55 -18.26 -34.45
CA ASP A 97 7.86 -17.07 -35.25
C ASP A 97 8.88 -17.33 -36.33
N ALA A 98 9.60 -18.45 -36.27
CA ALA A 98 10.62 -18.78 -37.26
C ALA A 98 10.36 -20.17 -37.82
N ARG A 99 10.46 -20.29 -39.14
CA ARG A 99 10.28 -21.53 -39.89
C ARG A 99 8.83 -22.00 -39.91
N LEU A 100 7.92 -21.29 -39.26
CA LEU A 100 6.52 -21.69 -39.23
C LEU A 100 5.66 -20.44 -39.06
N GLY A 101 4.34 -20.65 -39.17
CA GLY A 101 3.39 -19.66 -38.76
C GLY A 101 2.89 -19.93 -37.34
N ARG A 102 2.05 -19.02 -36.87
CA ARG A 102 1.48 -19.18 -35.53
C ARG A 102 0.47 -20.32 -35.50
N ALA A 103 -0.42 -20.37 -36.50
CA ALA A 103 -1.44 -21.42 -36.53
C ALA A 103 -0.81 -22.80 -36.66
N ARG A 104 0.17 -22.94 -37.54
CA ARG A 104 0.80 -24.25 -37.71
C ARG A 104 1.53 -24.65 -36.44
N ALA A 105 2.16 -23.69 -35.77
CA ALA A 105 2.80 -23.98 -34.49
C ALA A 105 1.79 -24.48 -33.47
N ILE A 106 0.64 -23.81 -33.39
CA ILE A 106 -0.40 -24.22 -32.46
C ILE A 106 -0.84 -25.64 -32.76
N LEU A 107 -1.09 -25.93 -34.04
CA LEU A 107 -1.57 -27.26 -34.42
C LEU A 107 -0.55 -28.33 -34.05
N LEU A 108 0.72 -28.11 -34.41
CA LEU A 108 1.74 -29.09 -34.10
C LEU A 108 1.88 -29.28 -32.59
N SER A 109 1.89 -28.18 -31.84
CA SER A 109 2.04 -28.28 -30.39
C SER A 109 0.89 -29.05 -29.78
N LEU A 110 -0.34 -28.80 -30.23
CA LEU A 110 -1.48 -29.53 -29.68
C LEU A 110 -1.45 -30.99 -30.08
N ALA A 111 -0.95 -31.30 -31.28
CA ALA A 111 -0.82 -32.69 -31.68
C ALA A 111 0.11 -33.42 -30.73
N LEU A 112 1.29 -32.84 -30.46
CA LEU A 112 2.20 -33.47 -29.51
C LEU A 112 1.60 -33.50 -28.11
N TYR A 113 0.87 -32.47 -27.74
CA TYR A 113 0.17 -32.43 -26.46
C TYR A 113 -0.70 -33.67 -26.30
N LEU A 114 -1.56 -33.91 -27.28
CA LEU A 114 -2.45 -35.07 -27.23
C LEU A 114 -1.66 -36.37 -27.22
N LEU A 115 -0.67 -36.48 -28.12
CA LEU A 115 0.09 -37.71 -28.23
C LEU A 115 0.74 -38.07 -26.90
N GLY A 116 1.43 -37.11 -26.29
CA GLY A 116 2.07 -37.38 -25.02
C GLY A 116 1.09 -37.69 -23.91
N MET A 117 0.02 -36.88 -23.79
CA MET A 117 -0.92 -37.09 -22.71
C MET A 117 -1.63 -38.42 -22.82
N LEU A 118 -1.73 -38.97 -24.03
CA LEU A 118 -2.44 -40.23 -24.20
C LEU A 118 -1.90 -41.30 -23.27
N ALA A 119 -0.61 -41.24 -22.92
CA ALA A 119 0.02 -42.34 -22.22
C ALA A 119 -0.65 -42.62 -20.88
N PHE A 120 -0.96 -41.58 -20.10
CA PHE A 120 -1.41 -41.78 -18.74
C PHE A 120 -2.63 -42.69 -18.63
N PRO A 121 -3.70 -42.50 -19.39
CA PRO A 121 -4.83 -43.44 -19.26
C PRO A 121 -4.46 -44.88 -19.53
N LEU A 122 -3.56 -45.14 -20.50
CA LEU A 122 -3.12 -46.52 -20.69
C LEU A 122 -2.44 -47.06 -19.44
N LEU A 123 -1.53 -46.27 -18.85
CA LEU A 123 -0.90 -46.68 -17.60
C LEU A 123 -1.94 -46.94 -16.53
N ALA A 124 -3.04 -46.19 -16.56
CA ALA A 124 -4.13 -46.42 -15.62
C ALA A 124 -4.81 -47.74 -15.88
N ALA A 125 -5.07 -48.06 -17.14
CA ALA A 125 -5.76 -49.30 -17.47
C ALA A 125 -4.86 -50.48 -17.15
N PRO A 126 -5.29 -51.43 -16.30
CA PRO A 126 -4.37 -52.51 -15.90
C PRO A 126 -3.81 -53.31 -17.07
N ALA A 127 -4.62 -53.60 -18.09
CA ALA A 127 -4.13 -54.40 -19.20
C ALA A 127 -3.00 -53.69 -19.92
N THR A 128 -3.23 -52.45 -20.34
CA THR A 128 -2.20 -51.69 -21.01
C THR A 128 -1.04 -51.37 -20.07
N ARG A 129 -1.33 -51.20 -18.77
CA ARG A 129 -0.26 -50.98 -17.81
C ARG A 129 0.70 -52.16 -17.80
N ALA A 130 0.17 -53.37 -17.74
CA ALA A 130 1.01 -54.56 -17.79
C ALA A 130 1.72 -54.68 -19.13
N ALA A 131 1.03 -54.34 -20.22
CA ALA A 131 1.65 -54.40 -21.53
C ALA A 131 2.85 -53.48 -21.62
N LEU A 132 2.74 -52.28 -21.05
CA LEU A 132 3.81 -51.29 -21.08
C LEU A 132 4.69 -51.41 -19.84
N CYS A 133 5.83 -50.72 -19.91
CA CYS A 133 6.86 -50.65 -18.88
C CYS A 133 7.70 -51.93 -18.83
N GLY A 134 7.30 -53.00 -19.50
CA GLY A 134 8.05 -54.25 -19.50
C GLY A 134 8.50 -54.65 -18.11
N SER A 135 7.73 -54.26 -17.09
CA SER A 135 8.11 -54.49 -15.70
C SER A 135 7.03 -55.21 -14.91
N ALA A 136 5.76 -54.93 -15.17
CA ALA A 136 4.65 -55.54 -14.45
C ALA A 136 4.83 -55.34 -12.94
N ARG A 137 5.02 -54.09 -12.54
CA ARG A 137 5.27 -53.75 -11.15
C ARG A 137 3.93 -53.63 -10.42
N LEU A 138 3.61 -54.62 -9.60
CA LEU A 138 2.38 -54.65 -8.82
C LEU A 138 2.70 -54.90 -7.35
N LEU A 139 3.74 -54.23 -6.83
CA LEU A 139 4.15 -54.43 -5.45
C LEU A 139 3.12 -53.92 -4.45
N ASN A 140 2.14 -53.12 -4.89
CA ASN A 140 1.04 -52.68 -4.05
C ASN A 140 1.53 -51.87 -2.84
N CYS A 141 2.61 -51.11 -3.03
CA CYS A 141 3.09 -50.22 -1.99
C CYS A 141 3.38 -50.97 -0.69
N THR A 142 2.42 -50.97 0.24
CA THR A 142 2.63 -51.53 1.56
C THR A 142 2.59 -53.06 1.58
N ALA A 143 2.17 -53.71 0.51
CA ALA A 143 2.13 -55.15 0.50
C ALA A 143 3.56 -55.71 0.65
N PRO A 144 3.71 -56.87 1.26
CA PRO A 144 5.06 -57.43 1.45
C PRO A 144 5.80 -57.55 0.13
N GLY A 145 7.06 -57.15 0.14
CA GLY A 145 7.88 -57.19 -1.05
C GLY A 145 9.34 -57.48 -0.74
N PRO A 146 9.97 -58.36 -1.53
CA PRO A 146 11.40 -58.63 -1.32
C PRO A 146 12.26 -57.49 -1.84
N ASP A 147 12.44 -56.46 -1.03
CA ASP A 147 13.14 -55.25 -1.47
C ASP A 147 12.25 -54.49 -2.45
N ALA A 148 12.84 -53.52 -3.16
CA ALA A 148 12.07 -52.74 -4.12
C ALA A 148 13.05 -52.08 -5.09
N ALA A 149 12.51 -51.61 -6.21
CA ALA A 149 13.28 -50.92 -7.23
C ALA A 149 13.01 -49.42 -7.15
N ALA A 150 13.67 -48.68 -8.03
CA ALA A 150 13.50 -47.24 -8.10
C ALA A 150 12.21 -46.92 -8.86
N ARG A 151 12.04 -45.65 -9.24
CA ARG A 151 10.86 -45.24 -9.98
C ARG A 151 10.62 -46.16 -11.17
N CYS A 152 9.47 -46.84 -11.16
CA CYS A 152 9.11 -47.77 -12.20
C CYS A 152 8.39 -47.04 -13.34
N CYS A 153 8.22 -47.75 -14.45
CA CYS A 153 7.58 -47.20 -15.65
C CYS A 153 8.25 -45.90 -16.06
N SER A 154 9.52 -45.75 -15.69
CA SER A 154 10.22 -44.49 -15.92
C SER A 154 10.23 -44.08 -17.39
N PRO A 155 10.55 -44.95 -18.35
CA PRO A 155 10.66 -44.49 -19.74
C PRO A 155 9.38 -43.87 -20.24
N ALA A 156 8.28 -44.64 -20.19
CA ALA A 156 7.02 -44.17 -20.73
C ALA A 156 6.51 -42.94 -19.98
N THR A 157 6.57 -42.98 -18.64
CA THR A 157 6.07 -41.85 -17.85
C THR A 157 6.85 -40.58 -18.19
N PHE A 158 8.18 -40.67 -18.19
CA PHE A 158 8.99 -39.50 -18.51
C PHE A 158 8.72 -39.02 -19.93
N ALA A 159 8.57 -39.94 -20.88
CA ALA A 159 8.34 -39.53 -22.26
C ALA A 159 7.03 -38.77 -22.38
N GLY A 160 5.96 -39.31 -21.81
CA GLY A 160 4.70 -38.60 -21.82
C GLY A 160 4.79 -37.26 -21.14
N LEU A 161 5.49 -37.19 -20.01
CA LEU A 161 5.61 -35.94 -19.28
C LEU A 161 6.33 -34.88 -20.10
N VAL A 162 7.45 -35.26 -20.74
CA VAL A 162 8.19 -34.29 -21.54
C VAL A 162 7.34 -33.83 -22.72
N LEU A 163 6.66 -34.77 -23.38
CA LEU A 163 5.84 -34.38 -24.52
C LEU A 163 4.75 -33.41 -24.11
N VAL A 164 4.03 -33.73 -23.04
CA VAL A 164 2.94 -32.86 -22.61
C VAL A 164 3.47 -31.50 -22.15
N GLY A 165 4.61 -31.50 -21.44
CA GLY A 165 5.17 -30.23 -20.99
C GLY A 165 5.57 -29.34 -22.15
N LEU A 166 6.25 -29.91 -23.14
CA LEU A 166 6.63 -29.11 -24.31
C LEU A 166 5.40 -28.59 -25.03
N GLY A 167 4.39 -29.45 -25.18
CA GLY A 167 3.18 -29.00 -25.85
C GLY A 167 2.52 -27.85 -25.12
N VAL A 168 2.37 -27.97 -23.80
CA VAL A 168 1.70 -26.92 -23.04
C VAL A 168 2.49 -25.63 -23.09
N ALA A 169 3.83 -25.73 -22.99
CA ALA A 169 4.64 -24.53 -23.10
C ALA A 169 4.43 -23.84 -24.44
N THR A 170 4.48 -24.62 -25.52
CA THR A 170 4.37 -24.02 -26.84
C THR A 170 3.00 -23.39 -27.06
N VAL A 171 1.92 -24.09 -26.68
CA VAL A 171 0.59 -23.51 -26.86
C VAL A 171 0.43 -22.28 -26.00
N LYS A 172 0.87 -22.32 -24.74
CA LYS A 172 0.72 -21.17 -23.87
C LYS A 172 1.45 -19.96 -24.44
N ALA A 173 2.60 -20.19 -25.06
CA ALA A 173 3.35 -19.08 -25.62
C ALA A 173 2.73 -18.57 -26.91
N ASN A 174 2.13 -19.44 -27.72
CA ASN A 174 1.71 -19.07 -29.06
C ASN A 174 0.27 -18.58 -29.14
N ILE A 175 -0.63 -19.16 -28.35
CA ILE A 175 -2.06 -18.92 -28.53
C ILE A 175 -2.41 -17.47 -28.19
N THR A 176 -1.95 -16.99 -27.03
CA THR A 176 -2.43 -15.69 -26.56
C THR A 176 -2.12 -14.56 -27.54
N PRO A 177 -0.89 -14.40 -28.04
CA PRO A 177 -0.70 -13.37 -29.07
C PRO A 177 -1.51 -13.66 -30.33
N PHE A 178 -1.73 -14.94 -30.64
CA PHE A 178 -2.55 -15.28 -31.80
C PHE A 178 -3.97 -14.75 -31.64
N GLY A 179 -4.58 -15.00 -30.48
CA GLY A 179 -5.89 -14.46 -30.24
C GLY A 179 -5.92 -12.95 -30.23
N ALA A 180 -4.92 -12.33 -29.60
CA ALA A 180 -4.92 -10.87 -29.49
C ALA A 180 -4.83 -10.23 -30.86
N ASP A 181 -3.89 -10.67 -31.69
CA ASP A 181 -3.75 -10.08 -33.02
C ASP A 181 -4.96 -10.35 -33.89
N GLN A 182 -5.82 -11.27 -33.47
CA GLN A 182 -7.05 -11.53 -34.20
C GLN A 182 -7.91 -10.28 -34.31
N VAL A 183 -8.07 -9.56 -33.21
CA VAL A 183 -8.90 -8.37 -33.14
C VAL A 183 -8.07 -7.10 -33.24
N LYS A 184 -6.82 -7.20 -33.69
CA LYS A 184 -5.93 -6.05 -33.76
C LYS A 184 -6.46 -4.97 -34.69
N ASP A 185 -7.37 -5.30 -35.61
CA ASP A 185 -7.93 -4.28 -36.49
C ASP A 185 -8.45 -3.11 -35.67
N ARG A 186 -9.05 -3.39 -34.52
CA ARG A 186 -9.55 -2.38 -33.61
C ARG A 186 -8.40 -1.92 -32.70
N GLY A 187 -8.74 -1.21 -31.63
CA GLY A 187 -7.73 -0.59 -30.80
C GLY A 187 -7.35 -1.39 -29.57
N PRO A 188 -6.45 -0.80 -28.77
CA PRO A 188 -6.06 -1.45 -27.51
C PRO A 188 -7.23 -1.69 -26.58
N GLU A 189 -8.30 -0.90 -26.67
CA GLU A 189 -9.50 -1.20 -25.90
C GLU A 189 -10.08 -2.55 -26.30
N ALA A 190 -10.15 -2.81 -27.61
CA ALA A 190 -10.60 -4.11 -28.08
C ALA A 190 -9.68 -5.21 -27.60
N THR A 191 -8.37 -4.98 -27.70
CA THR A 191 -7.43 -5.99 -27.22
C THR A 191 -7.64 -6.27 -25.73
N ARG A 192 -7.88 -5.22 -24.95
CA ARG A 192 -8.10 -5.39 -23.52
C ARG A 192 -9.35 -6.20 -23.25
N ARG A 193 -10.43 -5.92 -23.96
CA ARG A 193 -11.65 -6.71 -23.78
C ARG A 193 -11.40 -8.17 -24.12
N PHE A 194 -10.69 -8.41 -25.23
CA PHE A 194 -10.37 -9.78 -25.59
C PHE A 194 -9.58 -10.46 -24.48
N PHE A 195 -8.64 -9.74 -23.87
CA PHE A 195 -7.81 -10.35 -22.84
C PHE A 195 -8.61 -10.63 -21.57
N ASN A 196 -9.53 -9.73 -21.22
CA ASN A 196 -10.41 -10.02 -20.09
C ASN A 196 -11.15 -11.32 -20.32
N TRP A 197 -11.74 -11.48 -21.51
CA TRP A 197 -12.51 -12.69 -21.76
C TRP A 197 -11.61 -13.91 -21.90
N PHE A 198 -10.38 -13.72 -22.36
CA PHE A 198 -9.40 -14.80 -22.40
C PHE A 198 -9.13 -15.33 -21.01
N TYR A 199 -8.84 -14.44 -20.07
CA TYR A 199 -8.61 -14.86 -18.69
C TYR A 199 -9.87 -15.48 -18.10
N TRP A 200 -11.03 -14.94 -18.44
CA TRP A 200 -12.28 -15.51 -17.97
C TRP A 200 -12.42 -16.96 -18.41
N SER A 201 -12.15 -17.23 -19.68
CA SER A 201 -12.24 -18.60 -20.19
C SER A 201 -11.21 -19.50 -19.53
N ILE A 202 -10.00 -18.99 -19.32
CA ILE A 202 -8.98 -19.76 -18.63
C ILE A 202 -9.51 -20.21 -17.28
N ASN A 203 -10.08 -19.28 -16.52
CA ASN A 203 -10.56 -19.61 -15.19
C ASN A 203 -11.74 -20.57 -15.24
N LEU A 204 -12.61 -20.41 -16.24
CA LEU A 204 -13.74 -21.32 -16.38
C LEU A 204 -13.26 -22.74 -16.62
N GLY A 205 -12.29 -22.91 -17.52
CA GLY A 205 -11.73 -24.23 -17.74
C GLY A 205 -11.09 -24.78 -16.49
N ALA A 206 -10.36 -23.94 -15.76
CA ALA A 206 -9.74 -24.40 -14.52
C ALA A 206 -10.79 -24.89 -13.54
N ILE A 207 -11.91 -24.16 -13.42
CA ILE A 207 -12.97 -24.56 -12.50
C ILE A 207 -13.54 -25.90 -12.92
N LEU A 208 -13.90 -26.03 -14.20
CA LEU A 208 -14.49 -27.27 -14.67
C LEU A 208 -13.57 -28.45 -14.38
N SER A 209 -12.30 -28.32 -14.77
CA SER A 209 -11.35 -29.40 -14.51
C SER A 209 -11.27 -29.71 -13.03
N LEU A 210 -10.82 -28.73 -12.23
CA LEU A 210 -10.56 -28.96 -10.82
C LEU A 210 -11.75 -29.56 -10.11
N GLY A 211 -12.97 -29.10 -10.43
CA GLY A 211 -14.13 -29.70 -9.81
C GLY A 211 -14.42 -31.08 -10.34
N GLY A 212 -14.87 -31.16 -11.59
CA GLY A 212 -15.31 -32.44 -12.13
C GLY A 212 -14.22 -33.48 -12.12
N ILE A 213 -13.17 -33.25 -12.91
CA ILE A 213 -12.19 -34.30 -13.15
C ILE A 213 -11.56 -34.74 -11.84
N ALA A 214 -11.29 -33.80 -10.95
CA ALA A 214 -10.74 -34.17 -9.65
C ALA A 214 -11.70 -35.04 -8.87
N TYR A 215 -13.00 -34.70 -8.87
CA TYR A 215 -13.96 -35.54 -8.18
C TYR A 215 -13.95 -36.95 -8.74
N ILE A 216 -13.95 -37.08 -10.07
CA ILE A 216 -14.00 -38.41 -10.67
C ILE A 216 -12.74 -39.19 -10.34
N GLN A 217 -11.58 -38.54 -10.44
CA GLN A 217 -10.32 -39.21 -10.18
C GLN A 217 -10.24 -39.71 -8.74
N GLN A 218 -10.56 -38.83 -7.78
CA GLN A 218 -10.42 -39.19 -6.38
C GLN A 218 -11.61 -39.98 -5.84
N ASN A 219 -12.68 -40.13 -6.63
CA ASN A 219 -13.89 -40.75 -6.12
C ASN A 219 -14.56 -41.72 -7.08
N VAL A 220 -14.05 -41.89 -8.30
CA VAL A 220 -14.61 -42.92 -9.18
C VAL A 220 -13.50 -43.86 -9.62
N SER A 221 -12.55 -43.35 -10.42
CA SER A 221 -11.43 -44.16 -10.87
C SER A 221 -10.46 -43.33 -11.70
N PHE A 222 -9.17 -43.67 -11.65
CA PHE A 222 -8.20 -42.99 -12.50
C PHE A 222 -8.42 -43.34 -13.97
N VAL A 223 -8.81 -44.58 -14.24
CA VAL A 223 -8.97 -45.02 -15.62
C VAL A 223 -10.00 -44.15 -16.35
N THR A 224 -11.13 -43.89 -15.69
CA THR A 224 -12.12 -42.99 -16.28
C THR A 224 -11.80 -41.53 -16.00
N GLY A 225 -10.94 -41.25 -15.02
CA GLY A 225 -10.60 -39.88 -14.69
C GLY A 225 -9.62 -39.28 -15.67
N TYR A 226 -8.57 -40.03 -16.00
CA TYR A 226 -7.57 -39.52 -16.93
C TYR A 226 -8.00 -39.63 -18.39
N ALA A 227 -9.05 -40.38 -18.68
CA ALA A 227 -9.55 -40.43 -20.05
C ALA A 227 -10.10 -39.08 -20.48
N ILE A 228 -10.79 -38.37 -19.58
CA ILE A 228 -11.50 -37.16 -19.96
C ILE A 228 -10.55 -36.08 -20.48
N PRO A 229 -9.43 -35.78 -19.81
CA PRO A 229 -8.51 -34.78 -20.37
C PRO A 229 -8.04 -35.10 -21.77
N THR A 230 -7.83 -36.38 -22.08
CA THR A 230 -7.50 -36.76 -23.44
C THR A 230 -8.60 -36.30 -24.40
N VAL A 231 -9.85 -36.53 -24.01
CA VAL A 231 -10.97 -36.08 -24.84
C VAL A 231 -10.94 -34.57 -24.98
N CYS A 232 -10.68 -33.85 -23.89
CA CYS A 232 -10.69 -32.39 -23.94
C CYS A 232 -9.65 -31.88 -24.92
N VAL A 233 -8.44 -32.44 -24.86
CA VAL A 233 -7.40 -32.00 -25.79
C VAL A 233 -7.75 -32.38 -27.21
N GLY A 234 -8.39 -33.53 -27.41
CA GLY A 234 -8.83 -33.90 -28.74
C GLY A 234 -9.83 -32.91 -29.32
N LEU A 235 -10.84 -32.54 -28.52
CA LEU A 235 -11.80 -31.55 -28.99
C LEU A 235 -11.12 -30.21 -29.23
N ALA A 236 -10.13 -29.85 -28.41
CA ALA A 236 -9.39 -28.62 -28.66
C ALA A 236 -8.73 -28.66 -30.02
N PHE A 237 -8.06 -29.78 -30.32
CA PHE A 237 -7.45 -29.95 -31.63
C PHE A 237 -8.47 -29.79 -32.74
N VAL A 238 -9.60 -30.48 -32.62
CA VAL A 238 -10.58 -30.46 -33.70
C VAL A 238 -11.15 -29.06 -33.90
N VAL A 239 -11.48 -28.37 -32.80
CA VAL A 239 -12.08 -27.05 -32.92
C VAL A 239 -11.10 -26.08 -33.53
N PHE A 240 -9.83 -26.13 -33.10
CA PHE A 240 -8.85 -25.24 -33.71
C PHE A 240 -8.68 -25.55 -35.20
N LEU A 241 -8.62 -26.83 -35.55
CA LEU A 241 -8.45 -27.21 -36.94
C LEU A 241 -9.62 -26.69 -37.78
N CYS A 242 -10.85 -26.87 -37.28
CA CYS A 242 -12.02 -26.43 -38.02
C CYS A 242 -12.03 -24.91 -38.17
N GLY A 243 -11.71 -24.19 -37.08
CA GLY A 243 -11.68 -22.74 -37.16
C GLY A 243 -10.58 -22.22 -38.06
N GLN A 244 -9.57 -23.05 -38.33
CA GLN A 244 -8.49 -22.62 -39.21
C GLN A 244 -9.02 -22.03 -40.51
N SER A 245 -10.06 -22.66 -41.08
CA SER A 245 -10.56 -22.20 -42.37
C SER A 245 -11.06 -20.77 -42.31
N VAL A 246 -11.82 -20.44 -41.25
CA VAL A 246 -12.45 -19.12 -41.15
C VAL A 246 -11.63 -18.15 -40.34
N PHE A 247 -10.51 -18.57 -39.75
CA PHE A 247 -9.70 -17.66 -38.96
C PHE A 247 -9.25 -16.50 -39.84
N ILE A 248 -8.41 -16.79 -40.83
CA ILE A 248 -7.84 -15.78 -41.71
C ILE A 248 -7.52 -14.51 -40.93
N THR A 249 -7.11 -14.69 -39.67
CA THR A 249 -6.93 -13.57 -38.75
C THR A 249 -5.60 -12.87 -39.03
N LYS A 250 -5.45 -12.42 -40.27
CA LYS A 250 -4.22 -11.78 -40.71
C LYS A 250 -3.03 -12.66 -40.34
N PRO A 251 -3.03 -13.93 -40.74
CA PRO A 251 -2.01 -14.87 -40.26
C PRO A 251 -0.62 -14.34 -40.53
N PRO A 252 0.25 -14.29 -39.51
CA PRO A 252 1.59 -13.73 -39.74
C PRO A 252 2.35 -14.44 -40.83
N ASP A 253 2.17 -15.75 -40.98
CA ASP A 253 2.91 -16.53 -41.98
C ASP A 253 4.40 -16.27 -41.88
N GLY A 254 4.93 -16.37 -40.66
CA GLY A 254 6.30 -16.00 -40.44
C GLY A 254 7.26 -16.87 -41.21
N SER A 255 7.76 -16.36 -42.33
CA SER A 255 8.85 -16.99 -43.06
C SER A 255 10.01 -16.00 -43.16
N ALA A 256 9.70 -14.72 -43.38
CA ALA A 256 10.72 -13.69 -43.29
C ALA A 256 11.03 -13.32 -41.85
N PHE A 257 10.15 -13.66 -40.91
CA PHE A 257 10.44 -13.42 -39.50
C PHE A 257 11.71 -14.14 -39.07
N THR A 258 12.10 -15.20 -39.78
CA THR A 258 13.35 -15.88 -39.48
C THR A 258 14.53 -14.91 -39.51
N ASP A 259 14.50 -13.96 -40.43
CA ASP A 259 15.61 -13.01 -40.56
C ASP A 259 15.76 -12.16 -39.31
N MET A 260 14.65 -11.72 -38.73
CA MET A 260 14.73 -10.81 -37.59
C MET A 260 15.50 -11.43 -36.44
N PHE A 261 15.23 -12.70 -36.15
CA PHE A 261 15.89 -13.34 -35.01
C PHE A 261 17.40 -13.34 -35.19
N LYS A 262 17.88 -13.66 -36.39
CA LYS A 262 19.32 -13.70 -36.61
C LYS A 262 19.95 -12.32 -36.50
N ILE A 263 19.20 -11.28 -36.87
CA ILE A 263 19.76 -9.93 -36.82
C ILE A 263 19.98 -9.50 -35.37
N LEU A 264 19.11 -9.94 -34.46
CA LEU A 264 19.31 -9.60 -33.05
C LEU A 264 20.72 -9.96 -32.61
N THR A 265 21.22 -11.11 -33.07
CA THR A 265 22.62 -11.45 -32.82
C THR A 265 23.54 -10.43 -33.48
N TYR A 266 23.20 -9.99 -34.70
CA TYR A 266 24.02 -9.01 -35.38
C TYR A 266 24.07 -7.70 -34.60
N SER A 267 22.94 -7.27 -34.04
CA SER A 267 22.96 -6.14 -33.13
C SER A 267 23.82 -6.46 -31.92
N CYS A 268 23.70 -7.67 -31.38
CA CYS A 268 24.58 -8.12 -30.32
C CYS A 268 26.00 -8.37 -30.81
N CYS A 269 26.17 -8.60 -32.12
CA CYS A 269 27.53 -8.69 -32.67
C CYS A 269 28.24 -7.35 -32.56
N SER A 270 27.53 -6.25 -32.81
CA SER A 270 28.13 -4.93 -32.62
C SER A 270 28.65 -4.78 -31.19
N GLN A 271 27.91 -5.29 -30.22
CA GLN A 271 28.41 -5.30 -28.84
C GLN A 271 29.70 -6.10 -28.73
N LYS A 272 29.73 -7.29 -29.35
CA LYS A 272 30.94 -8.10 -29.38
C LYS A 272 31.95 -7.57 -30.39
N ARG A 273 31.52 -6.74 -31.33
CA ARG A 273 32.42 -6.17 -32.34
C ARG A 273 32.75 -4.72 -32.02
N PHE A 296 22.73 4.93 -26.19
CA PHE A 296 22.25 4.49 -27.49
C PHE A 296 23.39 3.95 -28.33
N ASP A 297 24.22 3.09 -27.73
CA ASP A 297 25.37 2.56 -28.43
C ASP A 297 24.94 1.75 -29.65
N SER A 298 23.90 0.94 -29.51
CA SER A 298 23.43 0.14 -30.64
C SER A 298 22.93 1.03 -31.77
N CYS A 299 22.21 2.10 -31.44
CA CYS A 299 21.63 2.94 -32.47
C CYS A 299 22.70 3.62 -33.31
N LYS A 300 23.74 4.15 -32.66
CA LYS A 300 24.74 4.93 -33.39
C LYS A 300 25.47 4.08 -34.42
N MET A 301 25.86 2.85 -34.04
CA MET A 301 26.56 1.99 -34.98
C MET A 301 25.60 1.38 -36.00
N SER A 302 24.35 1.14 -35.60
CA SER A 302 23.41 0.47 -36.50
C SER A 302 23.05 1.34 -37.69
N HIS A 303 22.87 2.64 -37.48
CA HIS A 303 22.47 3.53 -38.57
C HIS A 303 23.48 3.46 -39.72
N GLY A 304 24.77 3.55 -39.39
CA GLY A 304 25.79 3.49 -40.44
C GLY A 304 25.82 2.15 -41.15
N GLY A 305 25.71 1.06 -40.39
CA GLY A 305 25.83 -0.26 -40.95
C GLY A 305 24.55 -0.75 -41.58
N PRO A 306 24.54 -2.01 -42.03
CA PRO A 306 23.34 -2.60 -42.65
C PRO A 306 22.33 -3.08 -41.61
N PHE A 307 21.87 -2.15 -40.79
CA PHE A 307 20.98 -2.40 -39.66
C PHE A 307 19.75 -1.51 -39.76
N THR A 308 19.08 -1.57 -40.91
CA THR A 308 17.95 -0.69 -41.20
C THR A 308 17.12 -0.45 -39.96
N GLU A 309 16.63 0.80 -39.81
CA GLU A 309 16.21 1.28 -38.51
C GLU A 309 15.17 0.39 -37.85
N GLU A 310 14.40 -0.37 -38.64
CA GLU A 310 13.38 -1.22 -38.05
C GLU A 310 13.98 -2.17 -37.01
N LYS A 311 15.03 -2.89 -37.40
CA LYS A 311 15.66 -3.82 -36.48
C LYS A 311 16.29 -3.10 -35.30
N VAL A 312 16.83 -1.90 -35.51
CA VAL A 312 17.37 -1.13 -34.41
C VAL A 312 16.27 -0.84 -33.39
N GLU A 313 15.10 -0.43 -33.89
CA GLU A 313 13.99 -0.14 -32.98
C GLU A 313 13.55 -1.39 -32.23
N ASP A 314 13.47 -2.54 -32.92
CA ASP A 314 13.04 -3.75 -32.24
C ASP A 314 14.05 -4.18 -31.18
N VAL A 315 15.34 -4.10 -31.47
CA VAL A 315 16.33 -4.50 -30.47
C VAL A 315 16.29 -3.52 -29.29
N LYS A 316 16.18 -2.22 -29.57
CA LYS A 316 16.05 -1.26 -28.49
C LYS A 316 14.84 -1.58 -27.63
N ALA A 317 13.72 -1.91 -28.26
CA ALA A 317 12.53 -2.27 -27.50
C ALA A 317 12.81 -3.48 -26.61
N LEU A 318 13.43 -4.51 -27.16
CA LEU A 318 13.73 -5.71 -26.37
C LEU A 318 14.53 -5.32 -25.14
N VAL A 319 15.55 -4.49 -25.32
CA VAL A 319 16.37 -4.06 -24.18
C VAL A 319 15.50 -3.33 -23.16
N LYS A 320 14.60 -2.47 -23.63
CA LYS A 320 13.75 -1.75 -22.69
C LYS A 320 12.86 -2.69 -21.88
N ILE A 321 12.31 -3.71 -22.53
CA ILE A 321 11.30 -4.52 -21.86
C ILE A 321 11.94 -5.51 -20.89
N VAL A 322 13.14 -5.99 -21.18
CA VAL A 322 13.72 -7.02 -20.30
C VAL A 322 13.72 -6.56 -18.84
N PRO A 323 14.12 -5.32 -18.55
CA PRO A 323 14.05 -4.85 -17.16
C PRO A 323 12.69 -5.00 -16.53
N VAL A 324 11.62 -4.84 -17.30
CA VAL A 324 10.28 -4.91 -16.72
C VAL A 324 9.98 -6.32 -16.23
N PHE A 325 10.29 -7.32 -17.04
CA PHE A 325 10.10 -8.70 -16.58
C PHE A 325 10.98 -8.98 -15.37
N LEU A 326 12.23 -8.52 -15.42
CA LEU A 326 13.09 -8.69 -14.25
C LEU A 326 12.44 -8.12 -13.01
N ALA A 327 11.81 -6.95 -13.16
CA ALA A 327 11.16 -6.29 -12.03
C ALA A 327 9.92 -7.03 -11.57
N LEU A 328 9.22 -7.69 -12.50
CA LEU A 328 8.06 -8.48 -12.09
C LEU A 328 8.44 -9.81 -11.46
N ILE A 329 9.68 -10.26 -11.63
CA ILE A 329 10.07 -11.56 -11.03
C ILE A 329 9.64 -11.68 -9.57
N PRO A 330 9.92 -10.73 -8.69
CA PRO A 330 9.48 -10.89 -7.29
C PRO A 330 7.97 -10.97 -7.15
N TYR A 331 7.23 -10.27 -8.02
CA TYR A 331 5.77 -10.37 -7.98
C TYR A 331 5.33 -11.80 -8.25
N TRP A 332 5.92 -12.44 -9.26
CA TRP A 332 5.61 -13.85 -9.51
C TRP A 332 6.00 -14.71 -8.33
N THR A 333 7.17 -14.45 -7.75
CA THR A 333 7.60 -15.18 -6.56
C THR A 333 6.51 -15.19 -5.50
N VAL A 334 6.12 -13.98 -5.08
CA VAL A 334 5.15 -13.86 -3.98
C VAL A 334 3.81 -14.43 -4.39
N TYR A 335 3.41 -14.23 -5.65
CA TYR A 335 2.12 -14.74 -6.11
C TYR A 335 2.04 -16.25 -5.97
N PHE A 336 3.03 -16.95 -6.54
CA PHE A 336 3.01 -18.40 -6.48
C PHE A 336 3.13 -18.89 -5.04
N GLN A 337 3.95 -18.22 -4.24
CA GLN A 337 4.11 -18.64 -2.85
C GLN A 337 2.80 -18.50 -2.09
N MET A 338 2.09 -17.38 -2.27
CA MET A 338 0.82 -17.20 -1.59
C MET A 338 -0.19 -18.24 -2.06
N GLN A 339 -0.22 -18.49 -3.38
CA GLN A 339 -1.15 -19.48 -3.92
C GLN A 339 -0.94 -20.83 -3.25
N THR A 340 0.33 -21.26 -3.13
CA THR A 340 0.60 -22.53 -2.48
C THR A 340 0.22 -22.48 -1.00
N THR A 341 0.58 -21.40 -0.31
CA THR A 341 0.46 -21.35 1.14
C THR A 341 -0.98 -21.33 1.60
N TYR A 342 -1.85 -20.62 0.87
CA TYR A 342 -3.23 -20.50 1.31
C TYR A 342 -3.91 -21.85 1.42
N VAL A 343 -3.53 -22.80 0.57
CA VAL A 343 -4.16 -24.12 0.61
C VAL A 343 -3.87 -24.81 1.94
N LEU A 344 -2.60 -24.81 2.35
CA LEU A 344 -2.25 -25.40 3.63
C LEU A 344 -2.92 -24.66 4.77
N GLN A 345 -3.03 -23.34 4.65
CA GLN A 345 -3.77 -22.60 5.67
C GLN A 345 -5.20 -23.12 5.79
N SER A 346 -5.89 -23.23 4.65
CA SER A 346 -7.28 -23.65 4.65
C SER A 346 -7.43 -25.05 5.22
N LEU A 347 -6.51 -25.95 4.87
CA LEU A 347 -6.64 -27.35 5.26
C LEU A 347 -6.76 -27.53 6.76
N HIS A 348 -6.43 -26.52 7.56
CA HIS A 348 -6.48 -26.62 9.02
C HIS A 348 -7.58 -25.76 9.63
N LEU A 349 -8.53 -25.30 8.82
CA LEU A 349 -9.70 -24.59 9.29
C LEU A 349 -10.91 -25.52 9.19
N ARG A 350 -11.93 -25.24 9.99
CA ARG A 350 -13.13 -26.08 10.00
C ARG A 350 -13.69 -26.21 8.59
N ILE A 351 -13.92 -27.45 8.16
CA ILE A 351 -14.50 -27.74 6.86
C ILE A 351 -16.02 -27.59 6.92
N PRO A 352 -16.63 -26.76 6.07
CA PRO A 352 -18.02 -26.37 6.32
C PRO A 352 -19.06 -27.23 5.63
N GLU A 353 -20.30 -26.76 5.67
CA GLU A 353 -21.42 -27.30 4.90
C GLU A 353 -21.85 -28.68 5.37
N ILE A 354 -21.77 -28.93 6.67
CA ILE A 354 -22.14 -30.22 7.24
C ILE A 354 -21.33 -31.31 6.57
N SER A 355 -20.14 -30.95 6.08
CA SER A 355 -19.29 -31.88 5.35
C SER A 355 -20.04 -32.47 4.14
N ASN A 356 -20.86 -31.64 3.52
CA ASN A 356 -21.68 -32.08 2.38
C ASN A 356 -22.53 -33.27 2.80
N ILE A 357 -23.49 -32.96 3.69
CA ILE A 357 -24.35 -33.99 4.25
C ILE A 357 -25.04 -34.78 3.13
N THR A 358 -25.59 -34.07 2.15
CA THR A 358 -26.24 -34.73 1.03
C THR A 358 -25.18 -35.33 0.11
N THR A 359 -25.31 -36.63 -0.18
CA THR A 359 -24.33 -37.35 -0.97
C THR A 359 -22.95 -37.27 -0.32
N THR A 360 -22.86 -37.85 0.88
CA THR A 360 -21.67 -37.77 1.72
C THR A 360 -20.39 -37.88 0.91
N PRO A 361 -19.45 -36.95 1.07
CA PRO A 361 -18.23 -36.94 0.23
C PRO A 361 -17.12 -37.86 0.75
N HIS A 362 -17.22 -39.15 0.40
CA HIS A 362 -16.10 -40.05 0.64
C HIS A 362 -14.85 -39.47 0.01
N THR A 363 -13.85 -39.16 0.83
CA THR A 363 -12.59 -38.59 0.36
C THR A 363 -12.83 -37.27 -0.36
N LEU A 364 -13.28 -36.29 0.40
CA LEU A 364 -13.46 -34.95 -0.12
C LEU A 364 -12.23 -34.55 -0.94
N PRO A 365 -12.40 -34.14 -2.20
CA PRO A 365 -11.22 -33.84 -3.02
C PRO A 365 -10.47 -32.62 -2.50
N ALA A 366 -9.17 -32.59 -2.79
CA ALA A 366 -8.29 -31.52 -2.35
C ALA A 366 -8.00 -30.50 -3.45
N ALA A 367 -8.93 -30.33 -4.39
CA ALA A 367 -8.77 -29.36 -5.47
C ALA A 367 -9.72 -28.19 -5.38
N TRP A 368 -10.87 -28.35 -4.74
CA TRP A 368 -11.80 -27.23 -4.61
C TRP A 368 -11.17 -26.10 -3.81
N LEU A 369 -10.23 -26.43 -2.91
CA LEU A 369 -9.52 -25.41 -2.16
C LEU A 369 -8.75 -24.50 -3.10
N THR A 370 -8.15 -25.07 -4.14
CA THR A 370 -7.55 -24.24 -5.19
C THR A 370 -8.62 -23.56 -6.03
N MET A 371 -9.75 -24.24 -6.24
CA MET A 371 -10.80 -23.70 -7.11
C MET A 371 -11.47 -22.47 -6.53
N PHE A 372 -11.32 -22.21 -5.23
CA PHE A 372 -11.94 -21.03 -4.64
C PHE A 372 -11.57 -19.76 -5.39
N ASP A 373 -10.28 -19.56 -5.63
CA ASP A 373 -9.81 -18.35 -6.27
C ASP A 373 -10.38 -18.26 -7.69
N ALA A 374 -10.44 -19.39 -8.39
CA ALA A 374 -11.01 -19.39 -9.73
C ALA A 374 -12.47 -18.98 -9.69
N VAL A 375 -13.22 -19.45 -8.70
CA VAL A 375 -14.61 -19.04 -8.56
C VAL A 375 -14.70 -17.53 -8.41
N LEU A 376 -13.86 -16.98 -7.54
CA LEU A 376 -13.91 -15.53 -7.30
C LEU A 376 -13.57 -14.75 -8.56
N ILE A 377 -12.56 -15.21 -9.32
CA ILE A 377 -12.23 -14.50 -10.55
C ILE A 377 -13.36 -14.61 -11.56
N LEU A 378 -14.01 -15.77 -11.60
CA LEU A 378 -15.15 -15.92 -12.50
C LEU A 378 -16.23 -14.89 -12.18
N LEU A 379 -16.51 -14.71 -10.89
CA LEU A 379 -17.51 -13.71 -10.51
C LEU A 379 -17.02 -12.30 -10.84
N LEU A 380 -15.74 -12.02 -10.61
CA LEU A 380 -15.24 -10.65 -10.73
C LEU A 380 -15.15 -10.20 -12.18
N ILE A 381 -14.59 -11.02 -13.07
CA ILE A 381 -14.21 -10.53 -14.39
C ILE A 381 -15.39 -9.90 -15.13
N PRO A 382 -16.57 -10.51 -15.17
CA PRO A 382 -17.67 -9.86 -15.90
C PRO A 382 -18.01 -8.49 -15.35
N LEU A 383 -18.07 -8.35 -14.02
CA LEU A 383 -18.35 -7.06 -13.43
C LEU A 383 -17.30 -6.03 -13.85
N LYS A 384 -16.02 -6.39 -13.73
CA LYS A 384 -14.96 -5.50 -14.19
C LYS A 384 -15.23 -5.07 -15.62
N ASP A 385 -15.26 -6.04 -16.54
CA ASP A 385 -15.34 -5.75 -17.96
C ASP A 385 -16.52 -4.85 -18.29
N LYS A 386 -17.68 -5.10 -17.69
CA LYS A 386 -18.88 -4.40 -18.11
C LYS A 386 -19.10 -3.08 -17.38
N LEU A 387 -18.58 -2.93 -16.17
CA LEU A 387 -18.83 -1.73 -15.38
C LEU A 387 -17.58 -0.90 -15.14
N VAL A 388 -16.52 -1.51 -14.59
CA VAL A 388 -15.39 -0.71 -14.11
C VAL A 388 -14.63 -0.10 -15.28
N ASP A 389 -14.30 -0.91 -16.28
CA ASP A 389 -13.50 -0.39 -17.39
C ASP A 389 -14.20 0.76 -18.08
N PRO A 390 -15.49 0.67 -18.45
CA PRO A 390 -16.16 1.85 -19.00
C PRO A 390 -16.10 3.04 -18.05
N ILE A 391 -16.31 2.82 -16.75
CA ILE A 391 -16.30 3.93 -15.80
C ILE A 391 -14.94 4.60 -15.79
N LEU A 392 -13.88 3.81 -15.64
CA LEU A 392 -12.54 4.38 -15.59
C LEU A 392 -12.21 5.11 -16.89
N ARG A 393 -12.51 4.50 -18.03
CA ARG A 393 -12.26 5.15 -19.30
C ARG A 393 -13.12 6.40 -19.48
N ARG A 394 -14.19 6.53 -18.70
CA ARG A 394 -15.08 7.68 -18.87
C ARG A 394 -14.32 8.99 -18.70
N HIS A 395 -13.79 9.26 -17.51
CA HIS A 395 -13.24 10.58 -17.26
C HIS A 395 -11.81 10.71 -17.77
N GLY A 396 -10.86 10.11 -17.05
CA GLY A 396 -9.46 10.19 -17.47
C GLY A 396 -8.57 9.06 -16.97
N LEU A 397 -9.15 8.06 -16.33
CA LEU A 397 -8.38 7.22 -15.41
C LEU A 397 -7.50 6.25 -16.20
N LEU A 398 -6.95 5.24 -15.51
CA LEU A 398 -5.78 4.49 -15.94
C LEU A 398 -5.83 4.14 -17.42
N PRO A 399 -4.98 4.77 -18.25
CA PRO A 399 -4.85 4.37 -19.65
C PRO A 399 -3.67 3.44 -19.96
N SER A 400 -2.89 3.05 -18.95
CA SER A 400 -1.69 2.25 -19.15
C SER A 400 -1.73 1.01 -18.27
N SER A 401 -1.11 -0.07 -18.75
CA SER A 401 -1.16 -1.34 -18.03
C SER A 401 -0.21 -1.35 -16.84
N LEU A 402 0.88 -0.59 -16.91
CA LEU A 402 1.86 -0.60 -15.83
C LEU A 402 1.22 -0.17 -14.52
N LYS A 403 0.42 0.90 -14.57
CA LYS A 403 -0.25 1.37 -13.37
C LYS A 403 -1.18 0.29 -12.82
N ARG A 404 -1.85 -0.44 -13.71
CA ARG A 404 -2.74 -1.50 -13.27
C ARG A 404 -1.97 -2.60 -12.57
N ILE A 405 -0.79 -2.95 -13.09
CA ILE A 405 0.05 -3.94 -12.40
C ILE A 405 0.40 -3.44 -11.02
N ALA A 406 0.73 -2.15 -10.91
CA ALA A 406 1.06 -1.59 -9.60
C ALA A 406 -0.11 -1.71 -8.64
N VAL A 407 -1.32 -1.39 -9.12
CA VAL A 407 -2.51 -1.48 -8.27
C VAL A 407 -2.70 -2.93 -7.81
N GLY A 408 -2.56 -3.87 -8.74
CA GLY A 408 -2.69 -5.26 -8.37
C GLY A 408 -1.69 -5.66 -7.31
N MET A 409 -0.46 -5.18 -7.43
CA MET A 409 0.57 -5.51 -6.44
C MET A 409 0.19 -4.95 -5.07
N PHE A 410 -0.34 -3.74 -5.04
CA PHE A 410 -0.81 -3.18 -3.77
C PHE A 410 -1.87 -4.08 -3.15
N PHE A 411 -2.80 -4.56 -3.97
CA PHE A 411 -3.85 -5.43 -3.45
C PHE A 411 -3.28 -6.73 -2.94
N VAL A 412 -2.26 -7.27 -3.63
CA VAL A 412 -1.59 -8.47 -3.14
C VAL A 412 -1.00 -8.24 -1.77
N MET A 413 -0.36 -7.08 -1.59
CA MET A 413 0.22 -6.76 -0.28
C MET A 413 -0.86 -6.72 0.80
N CYS A 414 -1.99 -6.08 0.50
CA CYS A 414 -3.07 -6.05 1.47
C CYS A 414 -3.56 -7.45 1.81
N SER A 415 -3.70 -8.31 0.79
CA SER A 415 -4.14 -9.67 1.02
C SER A 415 -3.16 -10.43 1.88
N ALA A 416 -1.86 -10.22 1.65
CA ALA A 416 -0.85 -10.89 2.45
C ALA A 416 -0.97 -10.50 3.91
N PHE A 417 -1.16 -9.22 4.18
CA PHE A 417 -1.36 -8.79 5.57
C PHE A 417 -2.61 -9.41 6.17
N ALA A 418 -3.71 -9.44 5.40
CA ALA A 418 -4.93 -10.04 5.91
C ALA A 418 -4.70 -11.50 6.30
N ALA A 419 -4.02 -12.23 5.42
CA ALA A 419 -3.74 -13.63 5.69
C ALA A 419 -2.86 -13.78 6.92
N GLY A 420 -1.87 -12.91 7.07
CA GLY A 420 -1.03 -12.96 8.26
C GLY A 420 -1.84 -12.81 9.54
N ILE A 421 -2.75 -11.83 9.55
CA ILE A 421 -3.56 -11.59 10.74
C ILE A 421 -4.44 -12.80 11.04
N LEU A 422 -5.08 -13.33 9.99
CA LEU A 422 -5.96 -14.49 10.18
C LEU A 422 -5.18 -15.68 10.73
N GLU A 423 -4.01 -15.96 10.14
CA GLU A 423 -3.22 -17.08 10.60
C GLU A 423 -2.74 -16.86 12.03
N SER A 424 -2.45 -15.61 12.39
CA SER A 424 -2.08 -15.31 13.77
C SER A 424 -3.20 -15.71 14.71
N LYS A 425 -4.42 -15.28 14.40
CA LYS A 425 -5.54 -15.62 15.29
C LYS A 425 -5.73 -17.13 15.34
N ARG A 426 -5.61 -17.81 14.21
CA ARG A 426 -5.75 -19.27 14.20
C ARG A 426 -4.70 -19.90 15.10
N LEU A 427 -3.47 -19.40 15.03
CA LEU A 427 -2.39 -19.96 15.84
C LEU A 427 -2.69 -19.78 17.32
N ASN A 428 -3.22 -18.63 17.72
CA ASN A 428 -3.61 -18.49 19.12
C ASN A 428 -4.80 -19.38 19.44
N LEU A 429 -5.60 -19.72 18.43
CA LEU A 429 -6.80 -20.51 18.68
C LEU A 429 -6.55 -22.02 18.65
N VAL A 430 -5.35 -22.44 18.26
CA VAL A 430 -5.07 -23.88 18.24
C VAL A 430 -4.64 -24.38 19.61
N LYS A 431 -4.16 -23.48 20.48
CA LYS A 431 -3.62 -23.92 21.76
C LYS A 431 -4.67 -24.67 22.58
N GLU A 432 -5.95 -24.42 22.31
CA GLU A 432 -7.02 -25.11 23.00
C GLU A 432 -7.32 -26.41 22.26
N LYS A 433 -8.50 -26.99 22.53
CA LYS A 433 -8.85 -28.28 21.96
C LYS A 433 -8.76 -28.26 20.44
N THR A 434 -8.69 -29.45 19.84
CA THR A 434 -8.54 -29.60 18.39
C THR A 434 -9.57 -30.61 17.88
N ILE A 435 -9.81 -30.55 16.57
CA ILE A 435 -10.82 -31.39 15.92
C ILE A 435 -10.13 -32.15 14.79
N ASN A 436 -10.38 -33.47 14.73
CA ASN A 436 -9.77 -34.34 13.74
C ASN A 436 -10.65 -34.41 12.51
N GLN A 437 -10.45 -33.51 11.56
CA GLN A 437 -11.12 -33.59 10.28
C GLN A 437 -10.36 -34.56 9.37
N THR A 438 -10.84 -34.74 8.14
CA THR A 438 -10.24 -35.70 7.23
C THR A 438 -10.42 -35.24 5.81
N ILE A 439 -9.32 -35.04 5.09
CA ILE A 439 -9.32 -34.70 3.68
C ILE A 439 -8.43 -35.68 2.95
N GLY A 440 -8.83 -36.04 1.73
CA GLY A 440 -8.18 -37.11 1.04
C GLY A 440 -8.33 -38.39 1.83
N ASN A 441 -7.24 -38.86 2.43
CA ASN A 441 -7.33 -39.94 3.41
C ASN A 441 -6.37 -39.69 4.56
N VAL A 442 -6.10 -38.43 4.87
CA VAL A 442 -5.13 -38.04 5.88
C VAL A 442 -5.86 -37.29 6.98
N VAL A 443 -5.61 -37.67 8.24
CA VAL A 443 -6.30 -37.06 9.37
C VAL A 443 -5.62 -35.75 9.72
N TYR A 444 -6.09 -34.66 9.14
CA TYR A 444 -5.57 -33.34 9.49
C TYR A 444 -6.01 -32.94 10.89
N HIS A 445 -5.32 -31.95 11.44
CA HIS A 445 -5.71 -31.32 12.69
C HIS A 445 -6.05 -29.86 12.40
N ALA A 446 -7.23 -29.43 12.82
CA ALA A 446 -7.73 -28.11 12.50
C ALA A 446 -8.30 -27.45 13.75
N ALA A 447 -8.35 -26.13 13.71
CA ALA A 447 -8.90 -25.32 14.80
C ALA A 447 -10.38 -25.06 14.55
N ASP A 448 -11.09 -24.78 15.63
CA ASP A 448 -12.52 -24.54 15.55
C ASP A 448 -12.80 -23.17 14.95
N LEU A 449 -12.43 -22.98 13.69
CA LEU A 449 -12.64 -21.72 12.98
C LEU A 449 -13.12 -22.02 11.58
N SER A 450 -14.21 -21.38 11.18
CA SER A 450 -14.82 -21.67 9.88
C SER A 450 -13.89 -21.26 8.75
N LEU A 451 -13.88 -22.07 7.69
CA LEU A 451 -13.05 -21.79 6.53
C LEU A 451 -13.48 -20.50 5.82
N TRP A 452 -14.74 -20.10 5.95
CA TRP A 452 -15.19 -18.86 5.32
C TRP A 452 -14.42 -17.65 5.77
N TRP A 453 -13.76 -17.70 6.92
CA TRP A 453 -13.01 -16.54 7.37
C TRP A 453 -11.93 -16.15 6.37
N GLN A 454 -11.54 -17.08 5.50
CA GLN A 454 -10.54 -16.83 4.47
C GLN A 454 -11.08 -16.02 3.30
N VAL A 455 -12.35 -15.61 3.33
CA VAL A 455 -12.94 -14.94 2.18
C VAL A 455 -12.23 -13.64 1.82
N PRO A 456 -11.93 -12.73 2.77
CA PRO A 456 -11.29 -11.46 2.37
C PRO A 456 -9.96 -11.65 1.68
N GLN A 457 -9.15 -12.60 2.14
CA GLN A 457 -7.88 -12.88 1.46
C GLN A 457 -8.13 -13.13 -0.01
N TYR A 458 -8.94 -14.16 -0.30
CA TYR A 458 -9.15 -14.57 -1.69
C TYR A 458 -9.82 -13.47 -2.49
N LEU A 459 -10.66 -12.65 -1.85
CA LEU A 459 -11.29 -11.55 -2.58
C LEU A 459 -10.26 -10.54 -3.05
N LEU A 460 -9.36 -10.14 -2.13
CA LEU A 460 -8.31 -9.22 -2.51
C LEU A 460 -7.39 -9.84 -3.56
N ILE A 461 -7.11 -11.13 -3.42
CA ILE A 461 -6.30 -11.83 -4.41
C ILE A 461 -6.96 -11.76 -5.77
N GLY A 462 -8.27 -11.99 -5.83
CA GLY A 462 -8.97 -11.94 -7.10
C GLY A 462 -8.93 -10.56 -7.73
N ILE A 463 -9.10 -9.52 -6.91
CA ILE A 463 -9.01 -8.16 -7.44
C ILE A 463 -7.62 -7.92 -8.00
N SER A 464 -6.60 -8.31 -7.24
CA SER A 464 -5.23 -8.13 -7.68
C SER A 464 -4.98 -8.85 -8.99
N GLU A 465 -5.52 -10.06 -9.13
CA GLU A 465 -5.32 -10.82 -10.37
C GLU A 465 -6.00 -10.13 -11.53
N ILE A 466 -7.28 -9.78 -11.39
CA ILE A 466 -8.02 -9.21 -12.50
C ILE A 466 -7.39 -7.90 -12.93
N PHE A 467 -6.65 -7.24 -12.05
CA PHE A 467 -5.88 -6.07 -12.49
C PHE A 467 -4.57 -6.50 -13.14
N ALA A 468 -3.68 -7.09 -12.34
CA ALA A 468 -2.31 -7.39 -12.75
C ALA A 468 -2.29 -8.31 -13.95
N SER A 469 -2.75 -9.55 -13.79
CA SER A 469 -2.51 -10.56 -14.81
C SER A 469 -2.92 -10.06 -16.19
N ILE A 470 -4.12 -9.50 -16.30
CA ILE A 470 -4.59 -9.02 -17.60
C ILE A 470 -3.72 -7.86 -18.07
N ALA A 471 -3.38 -6.94 -17.16
CA ALA A 471 -2.52 -5.83 -17.59
C ALA A 471 -1.17 -6.34 -18.08
N GLY A 472 -0.62 -7.36 -17.42
CA GLY A 472 0.68 -7.89 -17.81
C GLY A 472 0.63 -8.55 -19.17
N LEU A 473 -0.41 -9.37 -19.42
CA LEU A 473 -0.54 -9.96 -20.75
C LEU A 473 -0.68 -8.86 -21.81
N GLU A 474 -1.49 -7.84 -21.53
CA GLU A 474 -1.68 -6.77 -22.49
C GLU A 474 -0.37 -6.05 -22.75
N PHE A 475 0.41 -5.80 -21.71
CA PHE A 475 1.69 -5.13 -21.88
C PHE A 475 2.64 -5.98 -22.72
N ALA A 476 2.78 -7.26 -22.37
CA ALA A 476 3.68 -8.13 -23.12
C ALA A 476 3.32 -8.13 -24.59
N TYR A 477 2.02 -8.24 -24.91
CA TYR A 477 1.65 -8.24 -26.32
C TYR A 477 1.90 -6.88 -26.96
N SER A 478 1.61 -5.80 -26.25
CA SER A 478 1.60 -4.48 -26.86
C SER A 478 3.00 -3.96 -27.11
N ALA A 479 3.91 -4.17 -26.16
CA ALA A 479 5.23 -3.56 -26.26
C ALA A 479 6.12 -4.28 -27.28
N ALA A 480 5.95 -5.59 -27.42
CA ALA A 480 6.85 -6.36 -28.25
C ALA A 480 6.80 -5.89 -29.70
N PRO A 481 7.91 -5.96 -30.42
CA PRO A 481 7.88 -5.62 -31.85
C PRO A 481 6.97 -6.57 -32.61
N LYS A 482 6.39 -6.07 -33.69
CA LYS A 482 5.36 -6.84 -34.39
C LYS A 482 5.92 -8.15 -34.94
N SER A 483 7.24 -8.27 -35.07
CA SER A 483 7.79 -9.45 -35.72
C SER A 483 7.88 -10.64 -34.78
N MET A 484 8.10 -10.42 -33.48
CA MET A 484 8.41 -11.50 -32.55
C MET A 484 7.57 -11.40 -31.28
N GLN A 485 6.25 -11.22 -31.42
CA GLN A 485 5.41 -11.19 -30.24
C GLN A 485 5.47 -12.51 -29.48
N SER A 486 5.47 -13.63 -30.20
CA SER A 486 5.47 -14.93 -29.54
C SER A 486 6.70 -15.10 -28.65
N ALA A 487 7.86 -14.65 -29.13
CA ALA A 487 9.08 -14.76 -28.35
C ALA A 487 8.96 -14.00 -27.03
N ILE A 488 8.41 -12.79 -27.08
CA ILE A 488 8.31 -11.99 -25.87
C ILE A 488 7.30 -12.61 -24.90
N MET A 489 6.22 -13.17 -25.42
CA MET A 489 5.28 -13.87 -24.53
C MET A 489 5.96 -15.06 -23.88
N GLY A 490 6.76 -15.80 -24.64
CA GLY A 490 7.50 -16.91 -24.06
C GLY A 490 8.45 -16.45 -22.97
N LEU A 491 9.14 -15.34 -23.20
CA LEU A 491 10.02 -14.80 -22.19
C LEU A 491 9.24 -14.42 -20.93
N PHE A 492 8.08 -13.81 -21.11
CA PHE A 492 7.21 -13.47 -19.99
C PHE A 492 6.92 -14.70 -19.15
N PHE A 493 6.49 -15.77 -19.79
CA PHE A 493 6.14 -16.97 -19.04
C PHE A 493 7.37 -17.62 -18.42
N PHE A 494 8.51 -17.55 -19.09
CA PHE A 494 9.75 -18.08 -18.53
C PHE A 494 10.12 -17.35 -17.25
N PHE A 495 10.00 -16.02 -17.26
CA PHE A 495 10.29 -15.25 -16.05
C PHE A 495 9.29 -15.57 -14.95
N SER A 496 8.03 -15.82 -15.31
CA SER A 496 7.08 -16.27 -14.30
C SER A 496 7.53 -17.57 -13.66
N GLY A 497 8.01 -18.51 -14.48
CA GLY A 497 8.51 -19.75 -13.93
C GLY A 497 9.72 -19.54 -13.03
N VAL A 498 10.61 -18.64 -13.44
CA VAL A 498 11.78 -18.32 -12.62
C VAL A 498 11.32 -17.81 -11.26
N GLY A 499 10.32 -16.93 -11.25
CA GLY A 499 9.79 -16.45 -9.99
C GLY A 499 9.22 -17.56 -9.13
N SER A 500 8.50 -18.49 -9.76
CA SER A 500 7.95 -19.60 -8.99
C SER A 500 9.05 -20.42 -8.35
N PHE A 501 10.11 -20.70 -9.11
CA PHE A 501 11.21 -21.49 -8.58
C PHE A 501 11.91 -20.75 -7.44
N VAL A 502 12.10 -19.44 -7.60
CA VAL A 502 12.73 -18.65 -6.55
C VAL A 502 11.88 -18.69 -5.29
N GLY A 503 10.56 -18.61 -5.43
CA GLY A 503 9.70 -18.70 -4.28
C GLY A 503 9.80 -20.04 -3.58
N SER A 504 9.86 -21.12 -4.35
CA SER A 504 10.03 -22.43 -3.75
C SER A 504 11.35 -22.49 -2.98
N GLY A 505 12.40 -21.93 -3.55
CA GLY A 505 13.68 -21.87 -2.84
C GLY A 505 13.57 -21.10 -1.54
N LEU A 506 12.86 -19.97 -1.56
CA LEU A 506 12.67 -19.20 -0.34
C LEU A 506 11.93 -20.00 0.72
N LEU A 507 10.87 -20.69 0.32
CA LEU A 507 10.13 -21.50 1.27
C LEU A 507 11.01 -22.57 1.87
N ALA A 508 11.86 -23.19 1.05
CA ALA A 508 12.83 -24.13 1.60
C ALA A 508 13.77 -23.44 2.57
N LEU A 509 14.19 -22.21 2.24
CA LEU A 509 15.15 -21.50 3.06
C LEU A 509 14.60 -21.27 4.46
N VAL A 510 13.41 -20.68 4.57
CA VAL A 510 12.86 -20.38 5.88
C VAL A 510 12.60 -21.63 6.70
N SER A 511 12.60 -22.80 6.08
CA SER A 511 12.37 -24.05 6.79
C SER A 511 13.56 -24.48 7.62
N ILE A 512 14.73 -23.85 7.44
CA ILE A 512 15.93 -24.30 8.13
C ILE A 512 15.72 -24.21 9.63
N LYS A 513 16.34 -25.13 10.36
CA LYS A 513 16.23 -25.15 11.82
C LYS A 513 16.59 -23.79 12.40
N ALA A 514 17.67 -23.18 11.91
CA ALA A 514 18.13 -21.91 12.47
C ALA A 514 17.01 -20.90 12.56
N ILE A 515 16.14 -20.86 11.54
CA ILE A 515 15.01 -19.93 11.57
C ILE A 515 13.82 -20.54 12.28
N GLY A 516 13.47 -21.79 11.92
CA GLY A 516 12.46 -22.52 12.64
C GLY A 516 11.03 -22.15 12.33
N TRP A 517 10.79 -21.40 11.25
CA TRP A 517 9.40 -21.02 10.92
C TRP A 517 8.63 -22.21 10.35
N MET A 518 9.31 -23.08 9.60
CA MET A 518 8.69 -24.27 9.03
C MET A 518 9.61 -25.44 9.34
N SER A 519 9.41 -26.06 10.50
CA SER A 519 10.26 -27.15 10.96
C SER A 519 9.56 -28.50 11.01
N SER A 520 8.26 -28.52 11.31
CA SER A 520 7.50 -29.76 11.34
C SER A 520 6.83 -30.07 10.01
N HIS A 521 7.09 -29.27 8.97
CA HIS A 521 6.47 -29.46 7.66
C HIS A 521 7.28 -30.49 6.86
N THR A 522 7.24 -31.73 7.35
CA THR A 522 7.91 -32.86 6.70
C THR A 522 6.92 -33.82 6.03
N ASP A 523 5.69 -33.37 5.81
CA ASP A 523 4.64 -34.23 5.26
C ASP A 523 3.58 -33.32 4.64
N PHE A 524 2.40 -33.89 4.40
CA PHE A 524 1.30 -33.12 3.82
C PHE A 524 1.11 -31.81 4.57
N GLY A 525 1.33 -31.81 5.87
CA GLY A 525 1.36 -30.58 6.64
C GLY A 525 0.81 -30.67 8.05
N ASN A 526 1.53 -30.07 8.99
CA ASN A 526 1.06 -29.92 10.36
C ASN A 526 1.38 -28.51 10.86
N ILE A 527 1.01 -27.50 10.07
CA ILE A 527 1.38 -26.12 10.33
C ILE A 527 1.00 -25.70 11.74
N ASN A 528 0.15 -26.49 12.40
CA ASN A 528 -0.18 -26.22 13.80
C ASN A 528 1.07 -25.98 14.63
N GLY A 529 2.12 -26.75 14.39
CA GLY A 529 3.36 -26.61 15.12
C GLY A 529 4.35 -25.61 14.55
N CYS A 530 4.00 -24.89 13.49
CA CYS A 530 4.92 -23.98 12.83
C CYS A 530 4.29 -22.60 12.74
N TYR A 531 5.15 -21.58 12.60
CA TYR A 531 4.71 -20.19 12.62
C TYR A 531 4.53 -19.68 11.20
N LEU A 532 3.44 -20.15 10.57
CA LEU A 532 3.18 -19.75 9.19
C LEU A 532 2.86 -18.26 9.08
N ASN A 533 2.32 -17.67 10.14
CA ASN A 533 1.92 -16.27 10.09
C ASN A 533 3.08 -15.36 9.71
N TYR A 534 4.22 -15.53 10.37
CA TYR A 534 5.38 -14.70 10.05
C TYR A 534 5.67 -14.74 8.56
N TYR A 535 5.54 -15.92 7.94
CA TYR A 535 5.83 -16.04 6.53
C TYR A 535 4.96 -15.12 5.70
N PHE A 536 3.67 -15.02 6.06
CA PHE A 536 2.77 -14.15 5.33
C PHE A 536 3.23 -12.71 5.40
N PHE A 537 3.65 -12.27 6.58
CA PHE A 537 4.17 -10.90 6.71
C PHE A 537 5.41 -10.71 5.86
N LEU A 538 6.30 -11.71 5.85
CA LEU A 538 7.50 -11.62 5.04
C LEU A 538 7.14 -11.39 3.57
N LEU A 539 6.15 -12.12 3.06
CA LEU A 539 5.73 -11.90 1.69
C LEU A 539 5.19 -10.49 1.51
N ALA A 540 4.43 -9.99 2.48
CA ALA A 540 3.92 -8.63 2.40
C ALA A 540 5.06 -7.64 2.24
N ALA A 541 6.09 -7.78 3.08
CA ALA A 541 7.26 -6.91 2.95
C ALA A 541 7.90 -7.05 1.58
N ILE A 542 8.15 -8.29 1.16
CA ILE A 542 8.75 -8.52 -0.15
C ILE A 542 7.89 -7.89 -1.24
N GLN A 543 6.57 -8.10 -1.14
CA GLN A 543 5.67 -7.49 -2.11
C GLN A 543 5.68 -5.97 -1.98
N GLY A 544 5.70 -5.46 -0.75
CA GLY A 544 5.68 -4.02 -0.57
C GLY A 544 6.88 -3.35 -1.22
N ALA A 545 8.08 -3.89 -0.98
CA ALA A 545 9.28 -3.35 -1.61
C ALA A 545 9.19 -3.43 -3.13
N THR A 546 8.65 -4.54 -3.63
CA THR A 546 8.57 -4.71 -5.08
C THR A 546 7.74 -3.61 -5.72
N LEU A 547 6.63 -3.24 -5.09
CA LEU A 547 5.77 -2.21 -5.66
C LEU A 547 6.53 -0.91 -5.86
N LEU A 548 7.29 -0.49 -4.84
CA LEU A 548 8.08 0.73 -4.98
C LEU A 548 9.09 0.58 -6.11
N LEU A 549 9.79 -0.55 -6.15
CA LEU A 549 10.75 -0.78 -7.23
C LEU A 549 10.06 -0.77 -8.58
N PHE A 550 8.92 -1.45 -8.68
CA PHE A 550 8.22 -1.51 -9.96
C PHE A 550 7.80 -0.12 -10.42
N LEU A 551 7.37 0.71 -9.48
CA LEU A 551 6.93 2.05 -9.84
C LEU A 551 8.06 2.85 -10.49
N ILE A 552 9.28 2.73 -9.95
CA ILE A 552 10.40 3.47 -10.52
C ILE A 552 10.62 3.05 -11.96
N ILE A 553 10.68 1.75 -12.21
CA ILE A 553 10.95 1.26 -13.55
C ILE A 553 9.81 1.60 -14.49
N SER A 554 8.58 1.46 -14.02
CA SER A 554 7.42 1.84 -14.83
C SER A 554 7.56 3.28 -15.30
N VAL A 555 7.89 4.18 -14.38
CA VAL A 555 8.04 5.60 -14.74
C VAL A 555 9.13 5.77 -15.77
N LYS A 556 10.28 5.11 -15.56
CA LYS A 556 11.39 5.24 -16.49
C LYS A 556 11.00 4.74 -17.87
N TYR A 557 10.26 3.62 -17.94
CA TYR A 557 9.88 3.05 -19.22
C TYR A 557 9.08 4.05 -20.05
N ASP A 558 8.05 4.63 -19.45
CA ASP A 558 7.19 5.56 -20.19
C ASP A 558 7.97 6.76 -20.68
N HIS A 559 8.89 7.26 -19.87
CA HIS A 559 9.70 8.40 -20.28
C HIS A 559 10.45 8.10 -21.57
N HIS A 560 11.01 6.90 -21.67
CA HIS A 560 11.79 6.51 -22.84
C HIS A 560 10.92 5.72 -23.82
N GLY B 16 15.97 15.98 -19.51
CA GLY B 16 16.86 15.62 -18.37
C GLY B 16 17.88 16.71 -18.07
N ALA B 17 18.39 17.36 -19.12
CA ALA B 17 19.37 18.42 -18.92
C ALA B 17 18.77 19.62 -18.22
N ARG B 18 17.48 19.90 -18.44
CA ARG B 18 16.84 21.01 -17.75
C ARG B 18 16.87 20.82 -16.25
N ARG B 19 16.88 19.58 -15.77
CA ARG B 19 17.00 19.35 -14.34
C ARG B 19 18.31 19.93 -13.82
N ALA B 20 19.40 19.75 -14.55
CA ALA B 20 20.67 20.35 -14.16
C ALA B 20 20.58 21.87 -14.15
N ALA B 21 19.82 22.45 -15.08
CA ALA B 21 19.62 23.90 -15.07
C ALA B 21 18.94 24.34 -13.78
N ALA B 22 17.95 23.58 -13.32
CA ALA B 22 17.28 23.89 -12.06
C ALA B 22 18.16 23.60 -10.85
N ALA B 23 19.28 22.90 -11.02
CA ALA B 23 20.15 22.62 -9.89
C ALA B 23 20.69 23.91 -9.27
N ALA B 24 20.82 24.97 -10.07
CA ALA B 24 21.28 26.24 -9.52
C ALA B 24 20.31 26.77 -8.48
N ALA B 25 19.01 26.69 -8.76
CA ALA B 25 18.02 27.20 -7.81
C ALA B 25 18.07 26.45 -6.49
N ALA B 26 18.17 25.13 -6.54
CA ALA B 26 18.21 24.34 -5.31
C ALA B 26 19.35 24.80 -4.41
N ALA B 27 20.58 24.69 -4.89
CA ALA B 27 21.72 25.14 -4.10
C ALA B 27 21.70 26.65 -3.91
N GLY B 28 21.30 27.40 -4.94
CA GLY B 28 21.28 28.84 -4.90
C GLY B 28 20.04 29.46 -4.29
N ALA B 29 19.14 28.65 -3.72
CA ALA B 29 17.94 29.19 -3.11
C ALA B 29 18.29 30.21 -2.03
N PHE B 30 19.15 29.83 -1.09
CA PHE B 30 19.56 30.71 -0.01
C PHE B 30 20.68 31.63 -0.50
N ALA B 31 20.28 32.57 -1.36
CA ALA B 31 21.19 33.58 -1.88
C ALA B 31 21.41 34.60 -0.78
N GLY B 32 21.91 35.78 -1.11
CA GLY B 32 22.25 36.74 -0.07
C GLY B 32 21.02 37.25 0.66
N ARG B 33 20.25 36.31 1.23
CA ARG B 33 19.06 36.61 2.00
C ARG B 33 18.90 35.66 3.18
N ARG B 34 19.97 34.98 3.61
CA ARG B 34 19.85 33.94 4.62
C ARG B 34 19.38 34.49 5.95
N ALA B 35 19.65 35.76 6.24
CA ALA B 35 19.30 36.32 7.54
C ALA B 35 17.80 36.27 7.79
N ALA B 36 17.01 36.66 6.78
CA ALA B 36 15.56 36.68 6.95
C ALA B 36 15.02 35.29 7.22
N CYS B 37 15.47 34.31 6.43
CA CYS B 37 15.01 32.95 6.63
C CYS B 37 15.40 32.43 8.00
N GLY B 38 16.61 32.76 8.45
CA GLY B 38 17.02 32.37 9.79
C GLY B 38 16.14 32.97 10.85
N ALA B 39 15.78 34.25 10.70
CA ALA B 39 14.90 34.88 11.68
C ALA B 39 13.54 34.19 11.71
N VAL B 40 12.98 33.89 10.55
CA VAL B 40 11.68 33.23 10.51
C VAL B 40 11.75 31.87 11.18
N LEU B 41 12.80 31.10 10.88
CA LEU B 41 12.93 29.78 11.47
C LEU B 41 13.08 29.87 12.97
N LEU B 42 13.86 30.83 13.45
CA LEU B 42 14.05 30.98 14.89
C LEU B 42 12.74 31.33 15.58
N THR B 43 11.97 32.23 14.99
CA THR B 43 10.66 32.57 15.55
C THR B 43 9.77 31.35 15.62
N GLU B 44 9.75 30.57 14.54
CA GLU B 44 8.92 29.37 14.51
C GLU B 44 9.34 28.41 15.61
N LEU B 45 10.65 28.21 15.78
CA LEU B 45 11.16 27.33 16.83
C LEU B 45 10.71 27.79 18.21
N LEU B 46 10.90 29.08 18.50
CA LEU B 46 10.54 29.58 19.83
C LEU B 46 9.04 29.42 20.08
N GLU B 47 8.22 29.76 19.09
CA GLU B 47 6.79 29.67 19.28
C GLU B 47 6.34 28.24 19.50
N ARG B 48 6.88 27.30 18.71
CA ARG B 48 6.53 25.89 18.92
C ARG B 48 6.95 25.43 20.30
N ALA B 49 8.14 25.85 20.75
CA ALA B 49 8.59 25.45 22.08
C ALA B 49 7.62 25.92 23.14
N ALA B 50 7.19 27.17 23.05
CA ALA B 50 6.24 27.70 24.03
C ALA B 50 4.92 26.95 23.97
N PHE B 51 4.42 26.70 22.76
CA PHE B 51 3.13 26.03 22.61
C PHE B 51 3.17 24.62 23.21
N TYR B 52 4.22 23.86 22.90
CA TYR B 52 4.32 22.52 23.45
C TYR B 52 4.54 22.55 24.96
N GLY B 53 5.26 23.55 25.47
CA GLY B 53 5.40 23.67 26.91
C GLY B 53 4.06 23.91 27.58
N ILE B 54 3.21 24.71 26.95
CA ILE B 54 1.88 24.96 27.51
C ILE B 54 1.04 23.68 27.48
N THR B 55 1.00 23.01 26.34
CA THR B 55 0.10 21.88 26.17
C THR B 55 0.63 20.58 26.77
N SER B 56 1.89 20.54 27.19
CA SER B 56 2.50 19.27 27.59
C SER B 56 1.83 18.69 28.83
N ASN B 57 1.70 19.50 29.88
CA ASN B 57 1.17 19.01 31.15
C ASN B 57 0.07 19.91 31.69
N LEU B 58 -0.69 20.55 30.80
CA LEU B 58 -1.77 21.42 31.24
C LEU B 58 -2.77 20.65 32.09
N VAL B 59 -3.12 19.44 31.67
CA VAL B 59 -4.06 18.64 32.44
C VAL B 59 -3.52 18.36 33.83
N LEU B 60 -2.26 17.93 33.91
CA LEU B 60 -1.68 17.62 35.21
C LEU B 60 -1.57 18.87 36.07
N PHE B 61 -1.21 19.99 35.46
CA PHE B 61 -1.12 21.24 36.20
C PHE B 61 -2.47 21.61 36.80
N LEU B 62 -3.53 21.55 36.01
CA LEU B 62 -4.85 21.89 36.52
C LEU B 62 -5.28 20.93 37.61
N ASN B 63 -5.12 19.63 37.38
CA ASN B 63 -5.57 18.64 38.35
C ASN B 63 -4.84 18.79 39.67
N GLY B 64 -3.52 18.96 39.62
CA GLY B 64 -2.72 19.07 40.82
C GLY B 64 -2.67 20.43 41.44
N ALA B 65 -3.12 21.46 40.74
CA ALA B 65 -3.05 22.81 41.26
C ALA B 65 -4.00 22.95 42.46
N PRO B 66 -3.78 23.97 43.30
CA PRO B 66 -4.69 24.17 44.43
C PRO B 66 -6.13 24.29 43.98
N PHE B 67 -6.36 24.77 42.76
CA PHE B 67 -7.68 24.77 42.14
C PHE B 67 -7.88 23.40 41.51
N CYS B 68 -8.20 22.42 42.36
CA CYS B 68 -8.27 21.02 41.95
C CYS B 68 -9.53 20.80 41.13
N TRP B 69 -9.39 20.78 39.81
CA TRP B 69 -10.49 20.43 38.94
C TRP B 69 -10.63 18.91 38.84
N GLU B 70 -11.72 18.47 38.23
CA GLU B 70 -11.88 17.06 37.92
C GLU B 70 -11.18 16.74 36.61
N GLY B 71 -10.75 15.48 36.47
CA GLY B 71 -10.02 15.09 35.28
C GLY B 71 -10.81 15.38 34.02
N ALA B 72 -12.11 15.12 34.04
CA ALA B 72 -12.95 15.45 32.90
C ALA B 72 -12.92 16.95 32.61
N GLN B 73 -12.94 17.77 33.66
CA GLN B 73 -12.91 19.22 33.46
C GLN B 73 -11.63 19.64 32.76
N ALA B 74 -10.49 19.13 33.22
CA ALA B 74 -9.22 19.51 32.62
C ALA B 74 -9.13 19.02 31.18
N SER B 75 -9.56 17.78 30.93
CA SER B 75 -9.54 17.26 29.56
C SER B 75 -10.41 18.11 28.65
N GLU B 76 -11.59 18.51 29.13
CA GLU B 76 -12.46 19.36 28.33
C GLU B 76 -11.81 20.70 28.07
N ALA B 77 -11.12 21.25 29.07
CA ALA B 77 -10.45 22.53 28.89
C ALA B 77 -9.40 22.42 27.78
N LEU B 78 -8.57 21.38 27.85
CA LEU B 78 -7.55 21.21 26.82
C LEU B 78 -8.19 21.02 25.45
N LEU B 79 -9.25 20.22 25.38
CA LEU B 79 -9.89 19.96 24.10
C LEU B 79 -10.45 21.24 23.50
N LEU B 80 -11.09 22.07 24.33
CA LEU B 80 -11.61 23.34 23.84
C LEU B 80 -10.48 24.26 23.41
N PHE B 81 -9.37 24.25 24.13
CA PHE B 81 -8.24 25.08 23.75
C PHE B 81 -7.73 24.69 22.37
N MET B 82 -7.50 23.39 22.15
CA MET B 82 -7.03 22.94 20.85
C MET B 82 -8.04 23.25 19.76
N GLY B 83 -9.32 23.04 20.03
CA GLY B 83 -10.33 23.38 19.06
C GLY B 83 -10.30 24.84 18.69
N LEU B 84 -10.07 25.71 19.67
CA LEU B 84 -9.96 27.14 19.39
C LEU B 84 -8.75 27.42 18.52
N THR B 85 -7.63 26.74 18.81
CA THR B 85 -6.43 26.91 17.98
C THR B 85 -6.74 26.55 16.54
N TYR B 86 -7.48 25.46 16.32
CA TYR B 86 -7.82 25.05 14.96
C TYR B 86 -8.81 26.03 14.33
N LEU B 87 -9.75 26.54 15.11
CA LEU B 87 -10.83 27.34 14.57
C LEU B 87 -10.35 28.72 14.14
N GLY B 88 -9.52 29.35 14.95
CA GLY B 88 -9.11 30.72 14.67
C GLY B 88 -8.30 30.88 13.41
N SER B 89 -7.75 29.78 12.89
CA SER B 89 -6.77 29.89 11.81
C SER B 89 -7.33 30.58 10.56
N PRO B 90 -8.45 30.14 10.00
CA PRO B 90 -8.98 30.86 8.83
C PRO B 90 -9.27 32.32 9.12
N PHE B 91 -9.78 32.63 10.32
CA PHE B 91 -10.03 34.02 10.68
C PHE B 91 -8.73 34.79 10.83
N GLY B 92 -7.70 34.15 11.40
CA GLY B 92 -6.40 34.80 11.47
C GLY B 92 -5.87 35.13 10.09
N GLY B 93 -6.00 34.19 9.15
CA GLY B 93 -5.57 34.46 7.79
C GLY B 93 -6.35 35.59 7.15
N TRP B 94 -7.67 35.61 7.37
CA TRP B 94 -8.49 36.71 6.87
C TRP B 94 -7.98 38.03 7.42
N LEU B 95 -7.73 38.09 8.72
CA LEU B 95 -7.25 39.33 9.33
C LEU B 95 -5.91 39.74 8.72
N ALA B 96 -5.01 38.77 8.53
CA ALA B 96 -3.70 39.10 7.97
C ALA B 96 -3.83 39.66 6.55
N ASP B 97 -4.65 39.02 5.72
CA ASP B 97 -4.74 39.42 4.32
C ASP B 97 -5.64 40.63 4.10
N ALA B 98 -6.46 40.99 5.09
CA ALA B 98 -7.36 42.13 4.96
C ALA B 98 -7.17 43.07 6.13
N ARG B 99 -7.12 44.37 5.83
CA ARG B 99 -6.97 45.46 6.80
C ARG B 99 -5.59 45.50 7.42
N LEU B 100 -4.70 44.57 7.07
CA LEU B 100 -3.36 44.55 7.62
C LEU B 100 -2.42 43.95 6.59
N GLY B 101 -1.12 44.07 6.85
CA GLY B 101 -0.14 43.24 6.19
C GLY B 101 0.10 41.94 6.94
N ARG B 102 0.96 41.11 6.36
CA ARG B 102 1.30 39.85 7.00
C ARG B 102 2.15 40.08 8.24
N ALA B 103 3.18 40.91 8.12
CA ALA B 103 4.12 41.09 9.23
C ALA B 103 3.44 41.73 10.43
N ARG B 104 2.60 42.74 10.18
CA ARG B 104 1.89 43.37 11.28
C ARG B 104 0.97 42.37 11.95
N ALA B 105 0.38 41.45 11.17
CA ALA B 105 -0.43 40.40 11.75
C ALA B 105 0.40 39.50 12.66
N ILE B 106 1.59 39.11 12.22
CA ILE B 106 2.42 38.25 13.07
C ILE B 106 2.74 38.98 14.36
N LEU B 107 3.13 40.25 14.26
CA LEU B 107 3.52 41.00 15.45
C LEU B 107 2.36 41.09 16.42
N LEU B 108 1.18 41.47 15.94
CA LEU B 108 0.03 41.60 16.82
C LEU B 108 -0.32 40.26 17.45
N SER B 109 -0.32 39.20 16.64
CA SER B 109 -0.69 37.89 17.15
C SER B 109 0.28 37.42 18.23
N LEU B 110 1.57 37.66 18.01
CA LEU B 110 2.56 37.26 19.01
C LEU B 110 2.45 38.11 20.27
N ALA B 111 2.10 39.38 20.13
CA ALA B 111 1.88 40.21 21.31
C ALA B 111 0.74 39.63 22.14
N LEU B 112 -0.38 39.30 21.49
CA LEU B 112 -1.49 38.69 22.22
C LEU B 112 -1.08 37.34 22.80
N TYR B 113 -0.30 36.57 22.04
CA TYR B 113 0.22 35.28 22.51
C TYR B 113 0.93 35.46 23.83
N LEU B 114 1.89 36.38 23.88
CA LEU B 114 2.66 36.62 25.10
C LEU B 114 1.75 37.11 26.21
N LEU B 115 0.88 38.07 25.92
CA LEU B 115 0.03 38.65 26.95
C LEU B 115 -0.82 37.56 27.61
N GLY B 116 -1.48 36.75 26.79
CA GLY B 116 -2.31 35.69 27.34
C GLY B 116 -1.51 34.65 28.10
N MET B 117 -0.41 34.19 27.52
CA MET B 117 0.36 33.14 28.18
C MET B 117 0.96 33.63 29.48
N LEU B 118 1.16 34.93 29.63
CA LEU B 118 1.78 35.42 30.85
C LEU B 118 1.04 34.95 32.08
N ALA B 119 -0.27 34.75 31.98
CA ALA B 119 -1.08 34.50 33.17
C ALA B 119 -0.64 33.25 33.91
N PHE B 120 -0.27 32.19 33.17
CA PHE B 120 -0.06 30.90 33.81
C PHE B 120 1.00 30.93 34.89
N PRO B 121 2.21 31.47 34.66
CA PRO B 121 3.18 31.53 35.77
C PRO B 121 2.69 32.33 36.97
N LEU B 122 1.92 33.42 36.78
CA LEU B 122 1.37 34.07 37.97
C LEU B 122 0.47 33.12 38.74
N LEU B 123 -0.39 32.38 38.04
CA LEU B 123 -1.23 31.41 38.73
C LEU B 123 -0.36 30.38 39.45
N ALA B 124 0.78 30.04 38.86
CA ALA B 124 1.70 29.12 39.51
C ALA B 124 2.27 29.71 40.79
N ALA B 125 2.65 30.98 40.75
CA ALA B 125 3.26 31.62 41.92
C ALA B 125 2.22 31.77 43.02
N PRO B 126 2.45 31.22 44.22
CA PRO B 126 1.38 31.27 45.24
C PRO B 126 0.91 32.66 45.57
N ALA B 127 1.82 33.65 45.65
CA ALA B 127 1.40 35.00 46.01
C ALA B 127 0.45 35.58 44.97
N THR B 128 0.85 35.55 43.70
CA THR B 128 -0.02 36.03 42.64
C THR B 128 -1.25 35.16 42.49
N ARG B 129 -1.11 33.85 42.75
CA ARG B 129 -2.28 32.98 42.69
C ARG B 129 -3.34 33.43 43.68
N ALA B 130 -2.93 33.71 44.93
CA ALA B 130 -3.88 34.21 45.91
C ALA B 130 -4.41 35.58 45.51
N ALA B 131 -3.54 36.43 44.96
CA ALA B 131 -3.99 37.76 44.54
C ALA B 131 -5.08 37.66 43.49
N LEU B 132 -4.94 36.73 42.55
CA LEU B 132 -5.89 36.56 41.46
C LEU B 132 -6.95 35.52 41.83
N CYS B 133 -7.99 35.47 41.00
CA CYS B 133 -9.14 34.59 41.10
C CYS B 133 -10.10 35.02 42.20
N GLY B 134 -9.72 35.97 43.06
CA GLY B 134 -10.58 36.40 44.15
C GLY B 134 -11.27 35.25 44.87
N SER B 135 -10.59 34.11 44.94
CA SER B 135 -11.16 32.90 45.52
C SER B 135 -10.27 32.28 46.58
N ALA B 136 -8.96 32.32 46.40
CA ALA B 136 -8.02 31.72 47.35
C ALA B 136 -8.37 30.26 47.60
N ARG B 137 -8.50 29.51 46.51
CA ARG B 137 -8.89 28.10 46.58
C ARG B 137 -7.66 27.26 46.87
N LEU B 138 -7.54 26.76 48.10
CA LEU B 138 -6.44 25.91 48.53
C LEU B 138 -6.97 24.64 49.16
N LEU B 139 -8.00 24.03 48.56
CA LEU B 139 -8.60 22.83 49.11
C LEU B 139 -7.66 21.63 49.07
N ASN B 140 -6.57 21.70 48.31
CA ASN B 140 -5.53 20.67 48.31
C ASN B 140 -6.09 19.32 47.86
N CYS B 141 -7.06 19.36 46.94
CA CYS B 141 -7.59 18.14 46.33
C CYS B 141 -8.12 17.19 47.40
N THR B 142 -7.29 16.22 47.81
CA THR B 142 -7.73 15.17 48.72
C THR B 142 -7.86 15.62 50.17
N ALA B 143 -7.36 16.81 50.51
CA ALA B 143 -7.46 17.27 51.88
C ALA B 143 -8.93 17.44 52.25
N PRO B 144 -9.28 17.24 53.53
CA PRO B 144 -10.69 17.37 53.92
C PRO B 144 -11.26 18.73 53.53
N GLY B 145 -12.48 18.72 53.01
CA GLY B 145 -13.12 19.93 52.57
C GLY B 145 -14.62 19.87 52.72
N PRO B 146 -15.24 20.95 53.24
CA PRO B 146 -16.70 20.97 53.36
C PRO B 146 -17.37 21.19 52.01
N ASP B 147 -17.56 20.10 51.26
CA ASP B 147 -18.06 20.19 49.90
C ASP B 147 -16.99 20.80 48.99
N ALA B 148 -17.37 21.21 47.79
CA ALA B 148 -16.42 21.80 46.85
C ALA B 148 -17.19 22.60 45.82
N ALA B 149 -16.47 23.45 45.10
CA ALA B 149 -17.02 24.28 44.04
C ALA B 149 -16.63 23.69 42.69
N ALA B 150 -17.09 24.35 41.63
CA ALA B 150 -16.77 23.94 40.27
C ALA B 150 -15.38 24.45 39.91
N ARG B 151 -15.03 24.36 38.63
CA ARG B 151 -13.73 24.83 38.16
C ARG B 151 -13.42 26.22 38.71
N CYS B 152 -12.36 26.30 39.51
CA CYS B 152 -11.95 27.56 40.13
C CYS B 152 -11.02 28.33 39.19
N CYS B 153 -10.77 29.59 39.55
CA CYS B 153 -9.93 30.48 38.74
C CYS B 153 -10.42 30.52 37.30
N SER B 154 -11.71 30.27 37.11
CA SER B 154 -12.26 30.16 35.76
C SER B 154 -12.03 31.41 34.93
N PRO B 155 -12.30 32.62 35.42
CA PRO B 155 -12.19 33.80 34.54
C PRO B 155 -10.79 33.96 33.98
N ALA B 156 -9.80 34.06 34.87
CA ALA B 156 -8.43 34.30 34.41
C ALA B 156 -7.90 33.15 33.57
N THR B 157 -8.14 31.91 34.00
CA THR B 157 -7.66 30.76 33.25
C THR B 157 -8.24 30.75 31.85
N PHE B 158 -9.56 30.89 31.74
CA PHE B 158 -10.20 30.89 30.43
C PHE B 158 -9.71 32.05 29.57
N ALA B 159 -9.53 33.24 30.17
CA ALA B 159 -9.07 34.38 29.40
C ALA B 159 -7.69 34.12 28.82
N GLY B 160 -6.76 33.64 29.65
CA GLY B 160 -5.45 33.30 29.15
C GLY B 160 -5.51 32.24 28.07
N LEU B 161 -6.36 31.23 28.26
CA LEU B 161 -6.45 30.15 27.28
C LEU B 161 -6.94 30.68 25.94
N VAL B 162 -7.98 31.52 25.95
CA VAL B 162 -8.50 32.04 24.70
C VAL B 162 -7.46 32.93 24.02
N LEU B 163 -6.78 33.77 24.80
CA LEU B 163 -5.76 34.63 24.20
C LEU B 163 -4.67 33.81 23.55
N VAL B 164 -4.13 32.82 24.28
CA VAL B 164 -3.04 32.02 23.73
C VAL B 164 -3.50 31.23 22.53
N GLY B 165 -4.71 30.68 22.58
CA GLY B 165 -5.22 29.91 21.45
C GLY B 165 -5.37 30.75 20.20
N LEU B 166 -5.96 31.94 20.34
CA LEU B 166 -6.11 32.81 19.19
C LEU B 166 -4.75 33.23 18.65
N GLY B 167 -3.81 33.54 19.54
CA GLY B 167 -2.48 33.89 19.07
C GLY B 167 -1.81 32.78 18.30
N VAL B 168 -1.86 31.55 18.83
CA VAL B 168 -1.20 30.44 18.15
C VAL B 168 -1.87 30.17 16.82
N ALA B 169 -3.19 30.23 16.77
CA ALA B 169 -3.88 30.02 15.50
C ALA B 169 -3.43 31.06 14.47
N THR B 170 -3.41 32.33 14.87
CA THR B 170 -3.07 33.37 13.91
C THR B 170 -1.63 33.25 13.43
N VAL B 171 -0.70 33.01 14.36
CA VAL B 171 0.70 32.88 13.94
C VAL B 171 0.88 31.66 13.04
N LYS B 172 0.28 30.53 13.41
CA LYS B 172 0.43 29.33 12.61
C LYS B 172 -0.10 29.55 11.20
N ALA B 173 -1.21 30.29 11.08
CA ALA B 173 -1.77 30.54 9.76
C ALA B 173 -0.92 31.52 8.96
N ASN B 174 -0.32 32.51 9.62
CA ASN B 174 0.30 33.62 8.90
C ASN B 174 1.78 33.42 8.62
N ILE B 175 2.52 32.77 9.53
CA ILE B 175 3.97 32.74 9.43
C ILE B 175 4.41 31.92 8.21
N THR B 176 3.86 30.73 8.05
CA THR B 176 4.40 29.82 7.04
C THR B 176 4.32 30.41 5.64
N PRO B 177 3.20 30.96 5.16
CA PRO B 177 3.24 31.62 3.85
C PRO B 177 4.17 32.81 3.85
N PHE B 178 4.32 33.50 5.00
CA PHE B 178 5.24 34.62 5.07
C PHE B 178 6.66 34.16 4.81
N GLY B 179 7.09 33.09 5.48
CA GLY B 179 8.42 32.57 5.22
C GLY B 179 8.59 32.09 3.80
N ALA B 180 7.57 31.38 3.27
CA ALA B 180 7.69 30.81 1.93
C ALA B 180 7.85 31.91 0.88
N ASP B 181 6.99 32.93 0.94
CA ASP B 181 7.07 34.01 -0.04
C ASP B 181 8.36 34.80 0.10
N GLN B 182 9.08 34.61 1.21
CA GLN B 182 10.35 35.27 1.40
C GLN B 182 11.34 34.90 0.30
N VAL B 183 11.41 33.61 -0.03
CA VAL B 183 12.35 33.10 -1.01
C VAL B 183 11.66 32.85 -2.36
N LYS B 184 10.48 33.43 -2.56
CA LYS B 184 9.71 33.21 -3.79
C LYS B 184 10.46 33.70 -5.03
N ASP B 185 11.44 34.59 -4.87
CA ASP B 185 12.21 35.03 -6.03
C ASP B 185 12.75 33.85 -6.81
N ARG B 186 13.14 32.79 -6.11
CA ARG B 186 13.62 31.57 -6.72
C ARG B 186 12.42 30.67 -7.02
N GLY B 187 12.67 29.42 -7.35
CA GLY B 187 11.62 28.53 -7.80
C GLY B 187 11.02 27.65 -6.72
N PRO B 188 10.08 26.80 -7.16
CA PRO B 188 9.47 25.85 -6.21
C PRO B 188 10.48 24.94 -5.54
N GLU B 189 11.62 24.67 -6.18
CA GLU B 189 12.67 23.92 -5.50
C GLU B 189 13.17 24.67 -4.28
N ALA B 190 13.38 25.98 -4.42
CA ALA B 190 13.77 26.79 -3.27
C ALA B 190 12.69 26.79 -2.21
N THR B 191 11.44 26.94 -2.63
CA THR B 191 10.34 26.89 -1.65
C THR B 191 10.33 25.56 -0.91
N ARG B 192 10.56 24.46 -1.63
CA ARG B 192 10.57 23.14 -1.01
C ARG B 192 11.70 23.04 0.01
N ARG B 193 12.90 23.50 -0.34
CA ARG B 193 14.00 23.47 0.61
C ARG B 193 13.65 24.27 1.86
N PHE B 194 13.09 25.47 1.67
CA PHE B 194 12.68 26.26 2.81
C PHE B 194 11.70 25.49 3.67
N PHE B 195 10.77 24.77 3.05
CA PHE B 195 9.74 24.09 3.83
C PHE B 195 10.32 22.91 4.59
N ASN B 196 11.26 22.19 3.99
CA ASN B 196 11.93 21.12 4.75
C ASN B 196 12.60 21.69 5.98
N TRP B 197 13.31 22.81 5.82
CA TRP B 197 14.00 23.36 6.99
C TRP B 197 13.01 23.98 7.97
N PHE B 198 11.88 24.47 7.50
CA PHE B 198 10.82 24.94 8.38
C PHE B 198 10.32 23.82 9.28
N TYR B 199 10.00 22.68 8.68
CA TYR B 199 9.55 21.53 9.46
C TYR B 199 10.64 21.05 10.40
N TRP B 200 11.90 21.10 9.94
CA TRP B 200 13.01 20.71 10.79
C TRP B 200 13.06 21.58 12.04
N SER B 201 12.95 22.90 11.87
CA SER B 201 12.97 23.81 13.01
C SER B 201 11.78 23.55 13.93
N ILE B 202 10.61 23.30 13.35
CA ILE B 202 9.44 23.00 14.16
C ILE B 202 9.73 21.81 15.06
N ASN B 203 10.29 20.75 14.48
CA ASN B 203 10.56 19.54 15.26
C ASN B 203 11.64 19.79 16.30
N LEU B 204 12.64 20.59 15.96
CA LEU B 204 13.69 20.91 16.93
C LEU B 204 13.10 21.62 18.13
N GLY B 205 12.23 22.60 17.88
CA GLY B 205 11.58 23.29 18.98
C GLY B 205 10.73 22.35 19.82
N ALA B 206 9.99 21.46 19.15
CA ALA B 206 9.19 20.48 19.87
C ALA B 206 10.06 19.63 20.78
N ILE B 207 11.20 19.18 20.27
CA ILE B 207 12.10 18.35 21.06
C ILE B 207 12.59 19.13 22.28
N LEU B 208 13.10 20.34 22.06
CA LEU B 208 13.63 21.13 23.16
C LEU B 208 12.57 21.32 24.23
N SER B 209 11.38 21.77 23.83
CA SER B 209 10.31 21.97 24.80
C SER B 209 9.99 20.68 25.53
N LEU B 210 9.52 19.67 24.80
CA LEU B 210 9.06 18.43 25.42
C LEU B 210 10.11 17.84 26.35
N GLY B 211 11.37 17.90 25.98
CA GLY B 211 12.40 17.40 26.87
C GLY B 211 12.63 18.29 28.06
N GLY B 212 13.23 19.45 27.82
CA GLY B 212 13.62 20.31 28.93
C GLY B 212 12.43 20.73 29.76
N ILE B 213 11.51 21.50 29.17
CA ILE B 213 10.48 22.16 29.96
C ILE B 213 9.65 21.13 30.70
N ALA B 214 9.35 20.00 30.05
CA ALA B 214 8.61 18.95 30.74
C ALA B 214 9.40 18.40 31.92
N TYR B 215 10.71 18.16 31.73
CA TYR B 215 11.52 17.69 32.85
C TYR B 215 11.44 18.67 34.02
N ILE B 216 11.61 19.96 33.74
CA ILE B 216 11.60 20.94 34.82
C ILE B 216 10.24 20.99 35.49
N GLN B 217 9.17 20.99 34.70
CA GLN B 217 7.82 21.10 35.25
C GLN B 217 7.50 19.92 36.15
N GLN B 218 7.77 18.70 35.68
CA GLN B 218 7.36 17.53 36.44
C GLN B 218 8.38 17.18 37.51
N ASN B 219 9.54 17.84 37.52
CA ASN B 219 10.61 17.45 38.43
C ASN B 219 11.36 18.60 39.09
N VAL B 220 11.00 19.85 38.82
CA VAL B 220 11.56 20.95 39.58
C VAL B 220 10.43 21.78 40.20
N SER B 221 9.64 22.44 39.36
CA SER B 221 8.50 23.21 39.84
C SER B 221 7.73 23.82 38.68
N PHE B 222 6.42 23.98 38.84
CA PHE B 222 5.63 24.66 37.82
C PHE B 222 6.00 26.13 37.73
N VAL B 223 6.31 26.74 38.87
CA VAL B 223 6.59 28.18 38.88
C VAL B 223 7.78 28.50 37.97
N THR B 224 8.83 27.69 38.06
CA THR B 224 9.96 27.86 37.15
C THR B 224 9.75 27.16 35.82
N GLY B 225 8.76 26.28 35.73
CA GLY B 225 8.49 25.57 34.49
C GLY B 225 7.73 26.41 33.50
N TYR B 226 6.64 27.03 33.95
CA TYR B 226 5.85 27.89 33.07
C TYR B 226 6.51 29.22 32.78
N ALA B 227 7.51 29.61 33.57
CA ALA B 227 8.21 30.86 33.29
C ALA B 227 8.94 30.80 31.95
N ILE B 228 9.58 29.66 31.66
CA ILE B 228 10.44 29.57 30.48
C ILE B 228 9.66 29.80 29.19
N PRO B 229 8.51 29.17 28.96
CA PRO B 229 7.77 29.46 27.72
C PRO B 229 7.46 30.93 27.53
N THR B 230 7.17 31.65 28.61
CA THR B 230 6.99 33.09 28.51
C THR B 230 8.24 33.74 27.93
N VAL B 231 9.41 33.33 28.42
CA VAL B 231 10.65 33.88 27.90
C VAL B 231 10.80 33.52 26.43
N CYS B 232 10.47 32.28 26.06
CA CYS B 232 10.62 31.87 24.66
C CYS B 232 9.76 32.73 23.75
N VAL B 233 8.50 32.97 24.13
CA VAL B 233 7.64 33.79 23.30
C VAL B 233 8.14 35.24 23.27
N GLY B 234 8.68 35.72 24.38
CA GLY B 234 9.24 37.06 24.38
C GLY B 234 10.41 37.19 23.42
N LEU B 235 11.33 36.24 23.44
CA LEU B 235 12.43 36.26 22.50
C LEU B 235 11.93 36.13 21.07
N ALA B 236 10.90 35.33 20.84
CA ALA B 236 10.32 35.24 19.50
C ALA B 236 9.84 36.60 19.04
N PHE B 237 9.11 37.30 19.91
CA PHE B 237 8.66 38.65 19.59
C PHE B 237 9.82 39.56 19.24
N VAL B 238 10.86 39.56 20.08
CA VAL B 238 11.97 40.47 19.87
C VAL B 238 12.70 40.16 18.56
N VAL B 239 12.94 38.87 18.29
CA VAL B 239 13.68 38.51 17.08
C VAL B 239 12.88 38.87 15.85
N PHE B 240 11.57 38.60 15.86
CA PHE B 240 10.76 38.99 14.71
C PHE B 240 10.76 40.50 14.53
N LEU B 241 10.62 41.25 15.62
CA LEU B 241 10.61 42.70 15.52
C LEU B 241 11.93 43.21 14.94
N CYS B 242 13.05 42.68 15.43
CA CYS B 242 14.34 43.14 14.94
C CYS B 242 14.52 42.78 13.46
N GLY B 243 14.12 41.57 13.07
CA GLY B 243 14.25 41.19 11.68
C GLY B 243 13.32 41.96 10.76
N GLN B 244 12.29 42.59 11.34
CA GLN B 244 11.38 43.39 10.52
C GLN B 244 12.13 44.38 9.64
N SER B 245 13.18 45.00 10.19
CA SER B 245 13.88 46.04 9.44
C SER B 245 14.51 45.47 8.17
N VAL B 246 15.14 44.30 8.28
CA VAL B 246 15.88 43.73 7.15
C VAL B 246 15.05 42.73 6.35
N PHE B 247 13.83 42.41 6.79
CA PHE B 247 13.01 41.47 6.06
C PHE B 247 12.79 41.96 4.65
N ILE B 248 12.07 43.07 4.51
CA ILE B 248 11.72 43.63 3.20
C ILE B 248 11.42 42.51 2.22
N THR B 249 10.83 41.42 2.71
CA THR B 249 10.64 40.21 1.92
C THR B 249 9.43 40.37 1.00
N LYS B 250 9.49 41.41 0.17
CA LYS B 250 8.40 41.76 -0.73
C LYS B 250 7.09 41.78 0.06
N PRO B 251 7.02 42.57 1.13
CA PRO B 251 5.86 42.51 2.01
C PRO B 251 4.58 42.72 1.24
N PRO B 252 3.59 41.82 1.38
CA PRO B 252 2.36 41.98 0.59
C PRO B 252 1.69 43.32 0.81
N ASP B 253 1.77 43.87 2.02
CA ASP B 253 1.09 45.13 2.33
C ASP B 253 -0.38 45.02 1.89
N GLY B 254 -1.09 44.05 2.45
CA GLY B 254 -2.44 43.82 2.02
C GLY B 254 -3.38 44.92 2.43
N SER B 255 -3.68 45.82 1.49
CA SER B 255 -4.71 46.83 1.69
C SER B 255 -5.75 46.73 0.59
N ALA B 256 -5.29 46.45 -0.64
CA ALA B 256 -6.21 46.15 -1.72
C ALA B 256 -6.68 44.70 -1.68
N PHE B 257 -5.98 43.84 -0.94
CA PHE B 257 -6.44 42.46 -0.77
C PHE B 257 -7.81 42.41 -0.12
N THR B 258 -8.18 43.46 0.61
CA THR B 258 -9.52 43.54 1.18
C THR B 258 -10.59 43.39 0.11
N ASP B 259 -10.36 43.98 -1.06
CA ASP B 259 -11.35 43.92 -2.13
C ASP B 259 -11.58 42.49 -2.58
N MET B 260 -10.51 41.70 -2.72
CA MET B 260 -10.64 40.35 -3.25
C MET B 260 -11.57 39.51 -2.40
N PHE B 261 -11.45 39.63 -1.07
CA PHE B 261 -12.29 38.83 -0.19
C PHE B 261 -13.76 39.10 -0.42
N LYS B 262 -14.13 40.38 -0.56
CA LYS B 262 -15.53 40.71 -0.79
C LYS B 262 -16.01 40.22 -2.15
N ILE B 263 -15.11 40.19 -3.14
CA ILE B 263 -15.51 39.76 -4.48
C ILE B 263 -15.90 38.29 -4.47
N LEU B 264 -15.21 37.47 -3.66
CA LEU B 264 -15.58 36.06 -3.57
C LEU B 264 -17.06 35.91 -3.30
N THR B 265 -17.61 36.75 -2.42
CA THR B 265 -19.05 36.75 -2.21
C THR B 265 -19.77 37.14 -3.49
N TYR B 266 -19.24 38.12 -4.23
CA TYR B 266 -19.88 38.53 -5.48
C TYR B 266 -19.90 37.39 -6.48
N SER B 267 -18.82 36.61 -6.56
CA SER B 267 -18.86 35.39 -7.35
C SER B 267 -19.90 34.44 -6.80
N CYS B 268 -19.96 34.30 -5.47
CA CYS B 268 -21.02 33.52 -4.85
C CYS B 268 -22.37 34.21 -4.96
N CYS B 269 -22.40 35.52 -5.16
CA CYS B 269 -23.67 36.20 -5.43
C CYS B 269 -24.27 35.73 -6.75
N SER B 270 -23.42 35.53 -7.76
CA SER B 270 -23.91 35.00 -9.02
C SER B 270 -24.60 33.64 -8.81
N GLN B 271 -24.05 32.82 -7.91
CA GLN B 271 -24.73 31.56 -7.56
C GLN B 271 -26.08 31.85 -6.94
N LYS B 272 -26.15 32.81 -6.01
CA LYS B 272 -27.42 33.22 -5.43
C LYS B 272 -28.24 34.09 -6.36
N ARG B 273 -27.61 34.67 -7.39
CA ARG B 273 -28.30 35.52 -8.34
C ARG B 273 -28.53 34.79 -9.66
N PHE B 296 -18.47 25.27 -15.65
CA PHE B 296 -17.87 26.60 -15.57
C PHE B 296 -18.95 27.67 -15.45
N ASP B 297 -19.93 27.45 -14.58
CA ASP B 297 -21.03 28.40 -14.45
C ASP B 297 -20.52 29.76 -14.00
N SER B 298 -19.59 29.79 -13.05
CA SER B 298 -19.05 31.06 -12.57
C SER B 298 -18.33 31.80 -13.69
N CYS B 299 -17.56 31.08 -14.51
CA CYS B 299 -16.76 31.72 -15.55
C CYS B 299 -17.66 32.41 -16.58
N LYS B 300 -18.71 31.73 -17.03
CA LYS B 300 -19.52 32.25 -18.12
C LYS B 300 -20.20 33.57 -17.73
N MET B 301 -20.75 33.63 -16.51
CA MET B 301 -21.41 34.87 -16.07
C MET B 301 -20.39 35.93 -15.69
N SER B 302 -19.23 35.52 -15.17
CA SER B 302 -18.25 36.49 -14.69
C SER B 302 -17.66 37.31 -15.82
N HIS B 303 -17.40 36.68 -16.97
CA HIS B 303 -16.77 37.40 -18.07
C HIS B 303 -17.62 38.59 -18.51
N GLY B 304 -18.92 38.38 -18.65
CA GLY B 304 -19.79 39.46 -19.06
C GLY B 304 -19.87 40.57 -18.03
N GLY B 305 -19.97 40.20 -16.75
CA GLY B 305 -20.15 41.16 -15.69
C GLY B 305 -18.84 41.79 -15.24
N PRO B 306 -18.90 42.60 -14.19
CA PRO B 306 -17.70 43.25 -13.64
C PRO B 306 -16.89 42.32 -12.74
N PHE B 307 -16.46 41.21 -13.30
CA PHE B 307 -15.75 40.14 -12.59
C PHE B 307 -14.44 39.85 -13.29
N THR B 308 -13.63 40.90 -13.49
CA THR B 308 -12.39 40.81 -14.24
C THR B 308 -11.70 39.48 -14.00
N GLU B 309 -11.14 38.91 -15.07
CA GLU B 309 -10.83 37.48 -15.11
C GLU B 309 -10.01 37.02 -13.91
N GLU B 310 -9.17 37.88 -13.34
CA GLU B 310 -8.31 37.44 -12.25
C GLU B 310 -9.13 36.88 -11.09
N LYS B 311 -10.19 37.59 -10.70
CA LYS B 311 -11.03 37.11 -9.62
C LYS B 311 -11.74 35.82 -9.99
N VAL B 312 -12.15 35.69 -11.25
CA VAL B 312 -12.74 34.43 -11.71
C VAL B 312 -11.75 33.30 -11.52
N GLU B 313 -10.49 33.53 -11.89
CA GLU B 313 -9.48 32.49 -11.75
C GLU B 313 -9.26 32.14 -10.28
N ASP B 314 -9.21 33.14 -9.41
CA ASP B 314 -8.99 32.84 -7.99
C ASP B 314 -10.15 32.05 -7.40
N VAL B 315 -11.38 32.42 -7.74
CA VAL B 315 -12.53 31.68 -7.20
C VAL B 315 -12.55 30.27 -7.76
N LYS B 316 -12.23 30.11 -9.04
CA LYS B 316 -12.16 28.77 -9.61
C LYS B 316 -11.10 27.94 -8.87
N ALA B 317 -9.96 28.55 -8.58
CA ALA B 317 -8.93 27.84 -7.84
C ALA B 317 -9.42 27.44 -6.46
N LEU B 318 -10.12 28.34 -5.76
CA LEU B 318 -10.64 28.00 -4.44
C LEU B 318 -11.55 26.79 -4.53
N VAL B 319 -12.45 26.79 -5.51
CA VAL B 319 -13.36 25.66 -5.70
C VAL B 319 -12.58 24.38 -5.96
N LYS B 320 -11.54 24.48 -6.79
CA LYS B 320 -10.75 23.28 -7.11
C LYS B 320 -10.07 22.73 -5.87
N ILE B 321 -9.54 23.60 -5.01
CA ILE B 321 -8.69 23.14 -3.92
C ILE B 321 -9.52 22.59 -2.77
N VAL B 322 -10.72 23.14 -2.54
CA VAL B 322 -11.50 22.69 -1.37
C VAL B 322 -11.66 21.17 -1.36
N PRO B 323 -11.98 20.55 -2.50
CA PRO B 323 -12.06 19.07 -2.51
C PRO B 323 -10.81 18.40 -1.99
N VAL B 324 -9.64 18.97 -2.24
CA VAL B 324 -8.40 18.31 -1.82
C VAL B 324 -8.29 18.28 -0.30
N PHE B 325 -8.61 19.39 0.36
CA PHE B 325 -8.60 19.36 1.83
C PHE B 325 -9.66 18.41 2.34
N LEU B 326 -10.84 18.42 1.72
CA LEU B 326 -11.86 17.47 2.12
C LEU B 326 -11.33 16.04 2.05
N ALA B 327 -10.57 15.75 0.98
CA ALA B 327 -10.02 14.41 0.79
C ALA B 327 -8.93 14.10 1.80
N LEU B 328 -8.19 15.12 2.24
CA LEU B 328 -7.17 14.89 3.25
C LEU B 328 -7.75 14.73 4.65
N ILE B 329 -9.00 15.15 4.87
CA ILE B 329 -9.58 15.05 6.21
C ILE B 329 -9.35 13.67 6.84
N PRO B 330 -9.66 12.55 6.17
CA PRO B 330 -9.42 11.24 6.80
C PRO B 330 -7.96 10.99 7.12
N TYR B 331 -7.04 11.53 6.30
CA TYR B 331 -5.62 11.38 6.60
C TYR B 331 -5.29 12.04 7.92
N TRP B 332 -5.81 13.25 8.15
CA TRP B 332 -5.61 13.91 9.43
C TRP B 332 -6.23 13.10 10.56
N THR B 333 -7.43 12.58 10.34
CA THR B 333 -8.08 11.74 11.32
C THR B 333 -7.14 10.63 11.79
N VAL B 334 -6.69 9.81 10.85
CA VAL B 334 -5.89 8.65 11.19
C VAL B 334 -4.55 9.09 11.77
N TYR B 335 -3.97 10.17 11.26
CA TYR B 335 -2.69 10.64 11.76
C TYR B 335 -2.78 11.00 13.24
N PHE B 336 -3.74 11.84 13.60
CA PHE B 336 -3.87 12.24 15.00
C PHE B 336 -4.21 11.05 15.87
N GLN B 337 -5.08 10.16 15.38
CA GLN B 337 -5.44 9.01 16.18
C GLN B 337 -4.24 8.12 16.46
N MET B 338 -3.42 7.86 15.44
CA MET B 338 -2.23 7.04 15.64
C MET B 338 -1.26 7.73 16.60
N GLN B 339 -1.09 9.04 16.44
CA GLN B 339 -0.20 9.79 17.33
C GLN B 339 -0.63 9.60 18.78
N THR B 340 -1.92 9.74 19.05
CA THR B 340 -2.40 9.55 20.42
C THR B 340 -2.21 8.12 20.87
N THR B 341 -2.55 7.15 20.01
CA THR B 341 -2.63 5.76 20.44
C THR B 341 -1.25 5.18 20.75
N TYR B 342 -0.24 5.55 19.96
CA TYR B 342 1.08 4.97 20.15
C TYR B 342 1.60 5.24 21.56
N VAL B 343 1.26 6.37 22.15
CA VAL B 343 1.75 6.70 23.49
C VAL B 343 1.21 5.69 24.50
N LEU B 344 -0.09 5.42 24.45
CA LEU B 344 -0.67 4.43 25.36
C LEU B 344 -0.09 3.06 25.09
N GLN B 345 0.18 2.74 23.84
CA GLN B 345 0.84 1.47 23.55
C GLN B 345 2.18 1.40 24.27
N SER B 346 3.00 2.44 24.12
CA SER B 346 4.34 2.45 24.70
C SER B 346 4.28 2.35 26.21
N LEU B 347 3.36 3.09 26.82
CA LEU B 347 3.31 3.14 28.28
C LEU B 347 3.22 1.77 28.93
N HIS B 348 2.87 0.73 28.17
CA HIS B 348 2.69 -0.61 28.71
C HIS B 348 3.76 -1.58 28.22
N LEU B 349 4.84 -1.07 27.64
CA LEU B 349 6.01 -1.85 27.30
C LEU B 349 7.11 -1.55 28.31
N ARG B 350 8.08 -2.45 28.41
CA ARG B 350 9.17 -2.27 29.35
C ARG B 350 9.90 -0.96 29.09
N ILE B 351 10.09 -0.18 30.15
CA ILE B 351 10.85 1.07 30.09
C ILE B 351 12.34 0.76 30.22
N PRO B 352 13.15 1.17 29.26
CA PRO B 352 14.53 0.66 29.18
C PRO B 352 15.54 1.52 29.91
N GLU B 353 16.83 1.20 29.66
CA GLU B 353 17.96 2.02 30.07
C GLU B 353 18.19 1.96 31.58
N ILE B 354 17.86 0.83 32.20
CA ILE B 354 18.03 0.68 33.64
C ILE B 354 17.20 1.75 34.35
N SER B 355 16.14 2.20 33.70
CA SER B 355 15.30 3.27 34.25
C SER B 355 16.13 4.52 34.52
N ASN B 356 17.11 4.78 33.66
CA ASN B 356 18.03 5.91 33.83
C ASN B 356 18.70 5.80 35.21
N ILE B 357 19.54 4.78 35.31
CA ILE B 357 20.22 4.50 36.59
C ILE B 357 20.96 5.73 37.07
N THR B 358 21.72 6.38 36.18
CA THR B 358 22.43 7.60 36.54
C THR B 358 21.44 8.73 36.69
N THR B 359 21.48 9.41 37.84
CA THR B 359 20.55 10.49 38.16
C THR B 359 19.11 9.97 38.09
N THR B 360 18.80 9.05 38.99
CA THR B 360 17.54 8.33 39.02
C THR B 360 16.36 9.26 38.70
N PRO B 361 15.50 8.90 37.75
CA PRO B 361 14.41 9.80 37.32
C PRO B 361 13.16 9.70 38.19
N HIS B 362 13.17 10.42 39.31
CA HIS B 362 11.95 10.58 40.08
C HIS B 362 10.85 11.12 39.17
N THR B 363 9.79 10.32 39.00
CA THR B 363 8.65 10.72 38.17
C THR B 363 9.08 10.96 36.71
N LEU B 364 9.48 9.87 36.06
CA LEU B 364 9.90 9.94 34.68
C LEU B 364 8.85 10.66 33.85
N PRO B 365 9.20 11.75 33.16
CA PRO B 365 8.16 12.57 32.49
C PRO B 365 7.48 11.82 31.35
N ALA B 366 6.21 12.14 31.15
CA ALA B 366 5.39 11.48 30.14
C ALA B 366 5.37 12.25 28.83
N ALA B 367 6.48 12.92 28.48
CA ALA B 367 6.58 13.65 27.22
C ALA B 367 7.64 13.11 26.28
N TRP B 368 8.67 12.44 26.79
CA TRP B 368 9.69 11.90 25.89
C TRP B 368 9.08 10.86 24.96
N LEU B 369 8.02 10.19 25.42
CA LEU B 369 7.32 9.23 24.58
C LEU B 369 6.78 9.90 23.33
N THR B 370 6.22 11.11 23.48
CA THR B 370 5.84 11.88 22.30
C THR B 370 7.06 12.36 21.54
N MET B 371 8.14 12.68 22.25
CA MET B 371 9.33 13.23 21.60
C MET B 371 10.02 12.23 20.69
N PHE B 372 9.75 10.94 20.85
CA PHE B 372 10.40 9.93 19.99
C PHE B 372 10.25 10.27 18.51
N ASP B 373 9.01 10.56 18.10
CA ASP B 373 8.75 10.83 16.69
C ASP B 373 9.51 12.07 16.24
N ALA B 374 9.57 13.10 17.10
CA ALA B 374 10.31 14.30 16.76
C ALA B 374 11.79 13.99 16.58
N VAL B 375 12.34 13.14 17.44
CA VAL B 375 13.74 12.74 17.29
C VAL B 375 13.95 12.11 15.92
N LEU B 376 13.06 11.19 15.55
CA LEU B 376 13.22 10.52 14.27
C LEU B 376 13.11 11.49 13.10
N ILE B 377 12.18 12.43 13.17
CA ILE B 377 12.07 13.42 12.09
C ILE B 377 13.32 14.28 12.03
N LEU B 378 13.87 14.63 13.18
CA LEU B 378 15.10 15.41 13.21
C LEU B 378 16.20 14.68 12.48
N LEU B 379 16.34 13.38 12.74
CA LEU B 379 17.36 12.61 12.04
C LEU B 379 17.06 12.52 10.55
N LEU B 380 15.79 12.34 10.19
CA LEU B 380 15.45 12.06 8.79
C LEU B 380 15.60 13.30 7.90
N ILE B 381 15.07 14.45 8.34
CA ILE B 381 14.92 15.58 7.43
C ILE B 381 16.23 15.97 6.77
N PRO B 382 17.35 16.09 7.48
CA PRO B 382 18.59 16.46 6.80
C PRO B 382 18.99 15.47 5.71
N LEU B 383 18.87 14.17 5.99
CA LEU B 383 19.19 13.17 4.98
C LEU B 383 18.32 13.35 3.76
N LYS B 384 17.01 13.48 3.96
CA LYS B 384 16.10 13.73 2.86
C LYS B 384 16.60 14.92 2.04
N ASP B 385 16.66 16.08 2.68
CA ASP B 385 16.96 17.32 1.97
C ASP B 385 18.25 17.24 1.18
N LYS B 386 19.29 16.63 1.77
CA LYS B 386 20.60 16.69 1.14
C LYS B 386 20.84 15.57 0.14
N LEU B 387 20.18 14.42 0.30
CA LEU B 387 20.45 13.28 -0.57
C LEU B 387 19.26 12.90 -1.43
N VAL B 388 18.09 12.68 -0.84
CA VAL B 388 16.99 12.07 -1.59
C VAL B 388 16.45 13.05 -2.63
N ASP B 389 16.17 14.29 -2.21
CA ASP B 389 15.58 15.24 -3.14
C ASP B 389 16.48 15.47 -4.34
N PRO B 390 17.78 15.72 -4.20
CA PRO B 390 18.62 15.80 -5.40
C PRO B 390 18.57 14.54 -6.24
N ILE B 391 18.56 13.37 -5.61
CA ILE B 391 18.55 12.12 -6.36
C ILE B 391 17.26 12.02 -7.17
N LEU B 392 16.11 12.23 -6.52
CA LEU B 392 14.85 12.13 -7.23
C LEU B 392 14.77 13.15 -8.35
N ARG B 393 15.16 14.39 -8.08
CA ARG B 393 15.14 15.41 -9.12
C ARG B 393 16.13 15.10 -10.23
N ARG B 394 17.10 14.23 -9.99
CA ARG B 394 18.10 13.93 -10.99
C ARG B 394 17.46 13.43 -12.28
N HIS B 395 16.81 12.27 -12.24
CA HIS B 395 16.36 11.68 -13.49
C HIS B 395 15.02 12.24 -13.96
N GLY B 396 13.93 11.85 -13.30
CA GLY B 396 12.62 12.34 -13.68
C GLY B 396 11.57 12.31 -12.59
N LEU B 397 11.95 11.98 -11.36
CA LEU B 397 11.00 11.45 -10.39
C LEU B 397 10.14 12.59 -9.83
N LEU B 398 9.41 12.31 -8.74
CA LEU B 398 8.24 13.07 -8.32
C LEU B 398 8.44 14.57 -8.45
N PRO B 399 7.77 15.22 -9.40
CA PRO B 399 7.80 16.70 -9.47
C PRO B 399 6.60 17.39 -8.84
N SER B 400 5.66 16.65 -8.26
CA SER B 400 4.43 17.22 -7.73
C SER B 400 4.23 16.77 -6.28
N SER B 401 3.56 17.61 -5.50
CA SER B 401 3.40 17.34 -4.08
C SER B 401 2.30 16.30 -3.82
N LEU B 402 1.31 16.22 -4.71
CA LEU B 402 0.21 15.30 -4.50
C LEU B 402 0.70 13.86 -4.43
N LYS B 403 1.59 13.49 -5.35
CA LYS B 403 2.15 12.14 -5.32
C LYS B 403 2.89 11.89 -4.02
N ARG B 404 3.58 12.91 -3.51
CA ARG B 404 4.31 12.75 -2.25
C ARG B 404 3.34 12.50 -1.10
N ILE B 405 2.22 13.21 -1.09
CA ILE B 405 1.21 12.96 -0.06
C ILE B 405 0.72 11.52 -0.16
N ALA B 406 0.51 11.04 -1.38
CA ALA B 406 0.07 9.66 -1.56
C ALA B 406 1.09 8.68 -1.00
N VAL B 407 2.37 8.93 -1.29
CA VAL B 407 3.42 8.04 -0.78
C VAL B 407 3.41 8.04 0.74
N GLY B 408 3.31 9.23 1.33
CA GLY B 408 3.25 9.32 2.77
C GLY B 408 2.09 8.52 3.33
N MET B 409 0.94 8.61 2.68
CA MET B 409 -0.24 7.88 3.16
C MET B 409 0.00 6.38 3.11
N PHE B 410 0.64 5.90 2.04
CA PHE B 410 0.98 4.48 1.96
C PHE B 410 1.86 4.08 3.13
N PHE B 411 2.84 4.92 3.44
CA PHE B 411 3.74 4.60 4.57
C PHE B 411 2.97 4.60 5.88
N VAL B 412 2.02 5.51 6.05
CA VAL B 412 1.19 5.51 7.25
C VAL B 412 0.43 4.19 7.36
N MET B 413 -0.11 3.71 6.24
CA MET B 413 -0.83 2.44 6.27
C MET B 413 0.09 1.30 6.70
N CYS B 414 1.29 1.25 6.13
CA CYS B 414 2.24 0.21 6.53
C CYS B 414 2.55 0.30 8.02
N SER B 415 2.73 1.50 8.53
CA SER B 415 3.02 1.69 9.95
C SER B 415 1.86 1.21 10.80
N ALA B 416 0.64 1.49 10.37
CA ALA B 416 -0.53 1.05 11.14
C ALA B 416 -0.56 -0.47 11.22
N PHE B 417 -0.29 -1.15 10.10
CA PHE B 417 -0.24 -2.61 10.16
C PHE B 417 0.86 -3.10 11.09
N ALA B 418 2.04 -2.46 11.03
CA ALA B 418 3.13 -2.87 11.92
C ALA B 418 2.71 -2.74 13.38
N ALA B 419 2.09 -1.62 13.71
CA ALA B 419 1.64 -1.40 15.08
C ALA B 419 0.60 -2.43 15.48
N GLY B 420 -0.31 -2.77 14.58
CA GLY B 420 -1.30 -3.78 14.89
C GLY B 420 -0.65 -5.10 15.23
N ILE B 421 0.33 -5.51 14.43
CA ILE B 421 1.00 -6.79 14.68
C ILE B 421 1.71 -6.77 16.02
N LEU B 422 2.43 -5.68 16.29
CA LEU B 422 3.16 -5.58 17.55
C LEU B 422 2.22 -5.64 18.74
N GLU B 423 1.11 -4.89 18.67
CA GLU B 423 0.16 -4.90 19.77
C GLU B 423 -0.49 -6.26 19.93
N SER B 424 -0.71 -6.98 18.82
CA SER B 424 -1.23 -8.33 18.91
C SER B 424 -0.28 -9.21 19.72
N LYS B 425 1.02 -9.17 19.38
CA LYS B 425 1.97 -9.99 20.11
C LYS B 425 2.02 -9.60 21.57
N ARG B 426 1.99 -8.30 21.86
CA ARG B 426 1.99 -7.85 23.25
C ARG B 426 0.77 -8.39 23.98
N LEU B 427 -0.38 -8.36 23.32
CA LEU B 427 -1.60 -8.86 23.96
C LEU B 427 -1.49 -10.34 24.27
N ASN B 428 -0.90 -11.13 23.38
CA ASN B 428 -0.67 -12.54 23.72
C ASN B 428 0.37 -12.66 24.82
N LEU B 429 1.24 -11.66 24.95
CA LEU B 429 2.32 -11.77 25.92
C LEU B 429 1.94 -11.23 27.29
N VAL B 430 0.75 -10.64 27.43
CA VAL B 430 0.36 -10.12 28.74
C VAL B 430 -0.32 -11.21 29.57
N LYS B 431 -0.81 -12.26 28.93
CA LYS B 431 -1.55 -13.28 29.67
C LYS B 431 -0.70 -13.91 30.76
N GLU B 432 0.62 -13.83 30.63
CA GLU B 432 1.53 -14.36 31.63
C GLU B 432 1.80 -13.26 32.67
N LYS B 433 2.83 -13.47 33.49
CA LYS B 433 3.12 -12.57 34.59
C LYS B 433 3.23 -11.13 34.11
N THR B 434 3.08 -10.17 35.04
CA THR B 434 3.14 -8.75 34.72
C THR B 434 4.08 -8.03 35.67
N ILE B 435 4.64 -6.92 35.18
CA ILE B 435 5.62 -6.12 35.92
C ILE B 435 4.98 -4.78 36.25
N ASN B 436 5.11 -4.36 37.50
CA ASN B 436 4.54 -3.10 37.95
C ASN B 436 5.56 -1.99 37.75
N GLN B 437 5.48 -1.31 36.61
CA GLN B 437 6.32 -0.15 36.35
C GLN B 437 5.62 1.12 36.86
N THR B 438 6.27 2.27 36.69
CA THR B 438 5.75 3.52 37.22
C THR B 438 6.17 4.68 36.35
N ILE B 439 5.19 5.42 35.81
CA ILE B 439 5.43 6.65 35.08
C ILE B 439 4.56 7.74 35.68
N GLY B 440 5.08 8.96 35.69
CA GLY B 440 4.41 10.03 36.40
C GLY B 440 4.34 9.69 37.88
N ASN B 441 3.14 9.37 38.35
CA ASN B 441 2.99 8.78 39.68
C ASN B 441 1.90 7.70 39.67
N VAL B 442 1.72 7.03 38.54
CA VAL B 442 0.66 6.05 38.35
C VAL B 442 1.32 4.70 38.08
N VAL B 443 0.87 3.67 38.78
CA VAL B 443 1.46 2.34 38.64
C VAL B 443 0.86 1.66 37.41
N TYR B 444 1.52 1.81 36.27
CA TYR B 444 1.08 1.12 35.07
C TYR B 444 1.38 -0.36 35.17
N HIS B 445 0.71 -1.15 34.33
CA HIS B 445 0.99 -2.56 34.16
C HIS B 445 1.49 -2.79 32.74
N ALA B 446 2.64 -3.43 32.61
CA ALA B 446 3.31 -3.59 31.34
C ALA B 446 3.78 -5.03 31.17
N ALA B 447 3.96 -5.42 29.93
CA ALA B 447 4.44 -6.75 29.56
C ALA B 447 5.96 -6.75 29.47
N ASP B 448 6.54 -7.94 29.58
CA ASP B 448 7.98 -8.07 29.53
C ASP B 448 8.48 -7.96 28.10
N LEU B 449 8.28 -6.80 27.48
CA LEU B 449 8.69 -6.55 26.12
C LEU B 449 9.34 -5.17 26.04
N SER B 450 10.51 -5.10 25.42
CA SER B 450 11.25 -3.84 25.39
C SER B 450 10.54 -2.81 24.53
N LEU B 451 10.60 -1.56 24.97
CA LEU B 451 9.97 -0.46 24.25
C LEU B 451 10.60 -0.25 22.87
N TRP B 452 11.87 -0.61 22.70
CA TRP B 452 12.51 -0.46 21.40
C TRP B 452 11.79 -1.21 20.29
N TRP B 453 10.99 -2.22 20.62
CA TRP B 453 10.29 -2.94 19.57
C TRP B 453 9.39 -2.02 18.75
N GLN B 454 9.05 -0.86 19.31
CA GLN B 454 8.23 0.13 18.62
C GLN B 454 8.99 0.92 17.57
N VAL B 455 10.27 0.63 17.36
CA VAL B 455 11.08 1.46 16.45
C VAL B 455 10.55 1.45 15.03
N PRO B 456 10.22 0.30 14.43
CA PRO B 456 9.76 0.33 13.02
C PRO B 456 8.53 1.17 12.81
N GLN B 457 7.57 1.12 13.74
CA GLN B 457 6.39 1.97 13.61
C GLN B 457 6.81 3.41 13.45
N TYR B 458 7.51 3.94 14.45
CA TYR B 458 7.87 5.36 14.44
C TYR B 458 8.75 5.70 13.26
N LEU B 459 9.57 4.77 12.79
CA LEU B 459 10.39 5.04 11.61
C LEU B 459 9.52 5.27 10.38
N LEU B 460 8.54 4.39 10.18
CA LEU B 460 7.63 4.56 9.06
C LEU B 460 6.82 5.84 9.22
N ILE B 461 6.41 6.15 10.46
CA ILE B 461 5.71 7.40 10.72
C ILE B 461 6.58 8.58 10.28
N GLY B 462 7.86 8.56 10.63
CA GLY B 462 8.72 9.66 10.27
C GLY B 462 8.87 9.81 8.77
N ILE B 463 9.02 8.69 8.07
CA ILE B 463 9.11 8.75 6.61
C ILE B 463 7.84 9.34 6.03
N SER B 464 6.69 8.86 6.50
CA SER B 464 5.41 9.35 6.02
C SER B 464 5.27 10.84 6.27
N GLU B 465 5.71 11.31 7.45
CA GLU B 465 5.60 12.73 7.75
C GLU B 465 6.49 13.55 6.83
N ILE B 466 7.77 13.17 6.72
CA ILE B 466 8.70 13.97 5.93
C ILE B 466 8.26 14.01 4.48
N PHE B 467 7.47 13.04 4.03
CA PHE B 467 6.87 13.16 2.70
C PHE B 467 5.63 14.03 2.73
N ALA B 468 4.59 13.56 3.42
CA ALA B 468 3.27 14.16 3.39
C ALA B 468 3.31 15.58 3.90
N SER B 469 3.63 15.79 5.17
CA SER B 469 3.44 17.10 5.79
C SER B 469 4.06 18.21 4.95
N ILE B 470 5.32 18.02 4.55
CA ILE B 470 5.99 19.04 3.76
C ILE B 470 5.31 19.20 2.40
N ALA B 471 4.93 18.09 1.77
CA ALA B 471 4.25 18.21 0.49
C ALA B 471 2.94 18.96 0.63
N GLY B 472 2.21 18.72 1.72
CA GLY B 472 0.93 19.39 1.92
C GLY B 472 1.09 20.87 2.15
N LEU B 473 2.07 21.26 2.97
CA LEU B 473 2.33 22.69 3.14
C LEU B 473 2.70 23.34 1.82
N GLU B 474 3.56 22.67 1.05
CA GLU B 474 3.98 23.21 -0.24
C GLU B 474 2.79 23.35 -1.17
N PHE B 475 1.90 22.36 -1.19
CA PHE B 475 0.72 22.44 -2.04
C PHE B 475 -0.17 23.59 -1.62
N ALA B 476 -0.49 23.67 -0.33
CA ALA B 476 -1.35 24.75 0.15
C ALA B 476 -0.81 26.11 -0.25
N TYR B 477 0.50 26.32 -0.08
CA TYR B 477 1.06 27.61 -0.45
C TYR B 477 1.03 27.81 -1.97
N SER B 478 1.33 26.76 -2.73
CA SER B 478 1.55 26.92 -4.17
C SER B 478 0.24 27.13 -4.91
N ALA B 479 -0.80 26.38 -4.55
CA ALA B 479 -2.04 26.40 -5.33
C ALA B 479 -2.85 27.67 -5.07
N ALA B 480 -2.76 28.21 -3.85
CA ALA B 480 -3.61 29.32 -3.48
C ALA B 480 -3.33 30.53 -4.37
N PRO B 481 -4.35 31.35 -4.66
CA PRO B 481 -4.12 32.58 -5.42
C PRO B 481 -3.21 33.52 -4.64
N LYS B 482 -2.44 34.31 -5.37
CA LYS B 482 -1.40 35.12 -4.73
C LYS B 482 -1.99 36.12 -3.74
N SER B 483 -3.29 36.40 -3.81
CA SER B 483 -3.85 37.45 -2.99
C SER B 483 -4.19 36.95 -1.58
N MET B 484 -4.57 35.69 -1.44
CA MET B 484 -5.09 35.19 -0.16
C MET B 484 -4.43 33.87 0.24
N GLN B 485 -3.11 33.83 0.21
CA GLN B 485 -2.42 32.61 0.65
C GLN B 485 -2.70 32.31 2.12
N SER B 486 -2.72 33.35 2.95
CA SER B 486 -2.94 33.15 4.38
C SER B 486 -4.27 32.47 4.64
N ALA B 487 -5.31 32.88 3.90
CA ALA B 487 -6.63 32.30 4.10
C ALA B 487 -6.61 30.81 3.81
N ILE B 488 -5.95 30.42 2.71
CA ILE B 488 -5.94 29.00 2.34
C ILE B 488 -5.14 28.20 3.36
N MET B 489 -4.04 28.76 3.87
CA MET B 489 -3.30 28.07 4.92
C MET B 489 -4.17 27.88 6.16
N GLY B 490 -4.93 28.92 6.52
CA GLY B 490 -5.83 28.79 7.65
C GLY B 490 -6.87 27.71 7.42
N LEU B 491 -7.42 27.64 6.21
CA LEU B 491 -8.37 26.59 5.89
C LEU B 491 -7.74 25.21 6.02
N PHE B 492 -6.50 25.08 5.54
CA PHE B 492 -5.77 23.82 5.67
C PHE B 492 -5.71 23.40 7.13
N PHE B 493 -5.30 24.31 8.00
CA PHE B 493 -5.16 23.94 9.41
C PHE B 493 -6.52 23.67 10.05
N PHE B 494 -7.56 24.40 9.63
CA PHE B 494 -8.90 24.16 10.13
C PHE B 494 -9.37 22.75 9.79
N PHE B 495 -9.12 22.32 8.55
CA PHE B 495 -9.49 20.97 8.15
C PHE B 495 -8.69 19.94 8.92
N SER B 496 -7.42 20.23 9.21
CA SER B 496 -6.64 19.34 10.07
C SER B 496 -7.30 19.19 11.43
N GLY B 497 -7.75 20.31 12.01
CA GLY B 497 -8.45 20.23 13.28
C GLY B 497 -9.73 19.44 13.19
N VAL B 498 -10.48 19.62 12.10
CA VAL B 498 -11.70 18.85 11.88
C VAL B 498 -11.38 17.36 11.88
N GLY B 499 -10.31 16.98 11.19
CA GLY B 499 -9.91 15.60 11.18
C GLY B 499 -9.56 15.08 12.56
N SER B 500 -8.85 15.90 13.35
CA SER B 500 -8.52 15.47 14.71
C SER B 500 -9.78 15.22 15.53
N PHE B 501 -10.74 16.14 15.43
CA PHE B 501 -11.98 15.98 16.18
C PHE B 501 -12.75 14.74 15.73
N VAL B 502 -12.79 14.50 14.42
CA VAL B 502 -13.47 13.31 13.91
C VAL B 502 -12.80 12.06 14.45
N GLY B 503 -11.47 12.05 14.50
CA GLY B 503 -10.78 10.91 15.06
C GLY B 503 -11.09 10.68 16.52
N SER B 504 -11.17 11.76 17.30
CA SER B 504 -11.54 11.62 18.69
C SER B 504 -12.95 11.03 18.80
N GLY B 505 -13.86 11.50 17.96
CA GLY B 505 -15.20 10.93 17.96
C GLY B 505 -15.19 9.45 17.64
N LEU B 506 -14.38 9.04 16.67
CA LEU B 506 -14.28 7.63 16.33
C LEU B 506 -13.75 6.81 17.50
N LEU B 507 -12.72 7.31 18.18
CA LEU B 507 -12.19 6.59 19.34
C LEU B 507 -13.26 6.45 20.40
N ALA B 508 -14.04 7.50 20.63
CA ALA B 508 -15.16 7.38 21.55
C ALA B 508 -16.15 6.33 21.07
N LEU B 509 -16.40 6.29 19.77
CA LEU B 509 -17.38 5.36 19.21
C LEU B 509 -16.99 3.91 19.47
N VAL B 510 -15.77 3.53 19.11
CA VAL B 510 -15.38 2.14 19.29
C VAL B 510 -15.33 1.74 20.76
N SER B 511 -15.41 2.71 21.67
CA SER B 511 -15.40 2.42 23.09
C SER B 511 -16.73 1.89 23.60
N ILE B 512 -17.80 1.97 22.81
CA ILE B 512 -19.11 1.57 23.30
C ILE B 512 -19.08 0.10 23.70
N LYS B 513 -19.89 -0.24 24.70
CA LYS B 513 -19.97 -1.61 25.17
C LYS B 513 -20.27 -2.57 24.02
N ALA B 514 -21.21 -2.20 23.15
CA ALA B 514 -21.62 -3.08 22.06
C ALA B 514 -20.41 -3.59 21.28
N ILE B 515 -19.41 -2.73 21.05
CA ILE B 515 -18.23 -3.16 20.33
C ILE B 515 -17.19 -3.74 21.29
N GLY B 516 -16.93 -3.04 22.39
CA GLY B 516 -16.09 -3.58 23.45
C GLY B 516 -14.59 -3.54 23.18
N TRP B 517 -14.14 -2.79 22.18
CA TRP B 517 -12.71 -2.72 21.90
C TRP B 517 -11.98 -1.89 22.94
N MET B 518 -12.63 -0.84 23.46
CA MET B 518 -12.07 0.03 24.49
C MET B 518 -13.14 0.18 25.57
N SER B 519 -13.14 -0.73 26.54
CA SER B 519 -14.15 -0.74 27.59
C SER B 519 -13.60 -0.44 28.97
N SER B 520 -12.36 -0.82 29.25
CA SER B 520 -11.72 -0.54 30.53
C SER B 520 -10.92 0.76 30.51
N HIS B 521 -10.96 1.51 29.41
CA HIS B 521 -10.20 2.74 29.28
C HIS B 521 -10.99 3.90 29.89
N THR B 522 -11.11 3.87 31.22
CA THR B 522 -11.80 4.89 31.99
C THR B 522 -10.84 5.74 32.82
N ASP B 523 -9.55 5.69 32.51
CA ASP B 523 -8.54 6.37 33.30
C ASP B 523 -7.32 6.58 32.40
N PHE B 524 -6.18 6.88 33.01
CA PHE B 524 -4.94 7.06 32.27
C PHE B 524 -4.72 5.90 31.30
N GLY B 525 -5.11 4.68 31.71
CA GLY B 525 -5.11 3.57 30.79
C GLY B 525 -4.82 2.22 31.42
N ASN B 526 -5.59 1.21 31.03
CA ASN B 526 -5.31 -0.19 31.38
C ASN B 526 -5.52 -1.06 30.15
N ILE B 527 -4.88 -0.67 29.05
CA ILE B 527 -5.08 -1.28 27.73
C ILE B 527 -5.04 -2.80 27.85
N ASN B 528 -4.30 -3.30 28.84
CA ASN B 528 -4.17 -4.74 29.05
C ASN B 528 -5.50 -5.45 28.89
N GLY B 529 -6.59 -4.87 29.37
CA GLY B 529 -7.90 -5.47 29.28
C GLY B 529 -8.68 -5.18 28.01
N CYS B 530 -8.11 -4.44 27.07
CA CYS B 530 -8.84 -4.03 25.87
C CYS B 530 -8.05 -4.40 24.63
N TYR B 531 -8.76 -4.47 23.50
CA TYR B 531 -8.18 -4.96 22.25
C TYR B 531 -7.84 -3.77 21.35
N LEU B 532 -6.66 -3.18 21.63
CA LEU B 532 -6.24 -2.04 20.81
C LEU B 532 -5.76 -2.48 19.44
N ASN B 533 -5.27 -3.71 19.33
CA ASN B 533 -4.74 -4.20 18.05
C ASN B 533 -5.76 -4.04 16.93
N TYR B 534 -7.00 -4.48 17.18
CA TYR B 534 -8.04 -4.31 16.18
C TYR B 534 -8.14 -2.86 15.74
N TYR B 535 -8.01 -1.92 16.68
CA TYR B 535 -8.13 -0.52 16.33
C TYR B 535 -7.07 -0.11 15.32
N PHE B 536 -5.84 -0.60 15.50
CA PHE B 536 -4.78 -0.26 14.56
C PHE B 536 -5.12 -0.75 13.16
N PHE B 537 -5.64 -1.97 13.05
CA PHE B 537 -6.04 -2.49 11.75
C PHE B 537 -7.15 -1.63 11.15
N LEU B 538 -8.11 -1.21 11.97
CA LEU B 538 -9.18 -0.34 11.49
C LEU B 538 -8.60 0.94 10.89
N LEU B 539 -7.63 1.55 11.55
CA LEU B 539 -6.99 2.73 10.98
C LEU B 539 -6.31 2.40 9.66
N ALA B 540 -5.64 1.25 9.59
CA ALA B 540 -4.99 0.85 8.35
C ALA B 540 -6.00 0.79 7.22
N ALA B 541 -7.15 0.16 7.46
CA ALA B 541 -8.19 0.11 6.45
C ALA B 541 -8.64 1.51 6.07
N ILE B 542 -8.93 2.34 7.08
CA ILE B 542 -9.37 3.71 6.81
C ILE B 542 -8.32 4.45 6.00
N GLN B 543 -7.06 4.30 6.39
CA GLN B 543 -5.98 4.93 5.63
C GLN B 543 -5.88 4.32 4.23
N GLY B 544 -6.00 3.00 4.13
CA GLY B 544 -5.90 2.36 2.84
C GLY B 544 -6.94 2.86 1.86
N ALA B 545 -8.19 2.93 2.30
CA ALA B 545 -9.24 3.46 1.45
C ALA B 545 -8.97 4.91 1.08
N THR B 546 -8.48 5.70 2.04
CA THR B 546 -8.23 7.11 1.77
C THR B 546 -7.22 7.28 0.64
N LEU B 547 -6.16 6.47 0.63
CA LEU B 547 -5.15 6.59 -0.39
C LEU B 547 -5.75 6.44 -1.79
N LEU B 548 -6.58 5.42 -1.97
CA LEU B 548 -7.24 5.24 -3.26
C LEU B 548 -8.10 6.45 -3.60
N LEU B 549 -8.90 6.91 -2.64
CA LEU B 549 -9.72 8.09 -2.87
C LEU B 549 -8.86 9.30 -3.20
N PHE B 550 -7.79 9.50 -2.44
CA PHE B 550 -6.93 10.67 -2.67
C PHE B 550 -6.34 10.62 -4.07
N LEU B 551 -5.95 9.43 -4.52
CA LEU B 551 -5.34 9.30 -5.84
C LEU B 551 -6.30 9.78 -6.93
N ILE B 552 -7.58 9.41 -6.83
CA ILE B 552 -8.55 9.83 -7.84
C ILE B 552 -8.61 11.34 -7.92
N ILE B 553 -8.75 11.99 -6.76
CA ILE B 553 -8.89 13.44 -6.74
C ILE B 553 -7.61 14.11 -7.21
N SER B 554 -6.46 13.59 -6.78
CA SER B 554 -5.18 14.13 -7.24
C SER B 554 -5.12 14.12 -8.75
N VAL B 555 -5.49 13.00 -9.36
CA VAL B 555 -5.45 12.89 -10.82
C VAL B 555 -6.39 13.91 -11.44
N LYS B 556 -7.60 14.02 -10.91
CA LYS B 556 -8.56 14.97 -11.47
C LYS B 556 -8.05 16.40 -11.35
N TYR B 557 -7.43 16.73 -10.22
CA TYR B 557 -6.94 18.10 -10.03
C TYR B 557 -5.95 18.48 -11.11
N ASP B 558 -4.94 17.64 -11.35
CA ASP B 558 -3.90 17.97 -12.32
C ASP B 558 -4.49 18.13 -13.71
N HIS B 559 -5.43 17.26 -14.08
CA HIS B 559 -6.06 17.36 -15.39
C HIS B 559 -6.68 18.73 -15.59
N HIS B 560 -7.31 19.27 -14.55
CA HIS B 560 -7.96 20.57 -14.65
C HIS B 560 -7.06 21.66 -14.08
CAA Y01 C . -10.25 -1.79 1.50
CBA Y01 C . -9.29 -0.66 1.18
CAB Y01 C . -8.96 -0.62 -0.31
CAN Y01 C . -8.00 -0.72 2.01
CAJ Y01 C . -7.01 -1.81 1.63
CAO Y01 C . -6.68 -2.72 2.80
CBB Y01 C . -7.85 -3.55 3.36
CAC Y01 C . -8.41 -4.48 2.30
CBE Y01 C . -7.39 -4.31 4.61
CAP Y01 C . -7.06 -3.35 5.79
CAQ Y01 C . -7.35 -4.11 7.09
CBG Y01 C . -7.66 -5.53 6.63
CBI Y01 C . -8.34 -5.33 5.26
CAE Y01 C . -9.75 -4.75 5.38
CAU Y01 C . -8.36 -6.72 4.61
CAS Y01 C . -9.11 -7.72 5.49
CBF Y01 C . -8.58 -7.83 6.92
CBD Y01 C . -8.41 -6.45 7.57
CAK Y01 C . -7.62 -6.62 8.86
CAI Y01 C . -8.12 -7.76 9.68
CAZ Y01 C . -8.99 -8.67 9.26
CAV Y01 C . -9.51 -9.72 10.20
CBH Y01 C . -9.41 -8.79 7.80
CAD Y01 C . -10.92 -8.54 7.67
CAT Y01 C . -9.11 -10.24 7.38
CAR Y01 C . -9.77 -11.28 8.27
CBC Y01 C . -9.26 -11.12 9.67
OAW Y01 C . -9.95 -12.09 10.48
CAY Y01 C . -9.43 -12.42 11.65
OAG Y01 C . -8.34 -12.09 12.01
CAM Y01 C . -10.39 -13.29 12.43
CAL Y01 C . -11.79 -13.27 11.88
CAX Y01 C . -12.87 -13.73 12.87
OAH Y01 C . -12.82 -14.93 13.20
OAF Y01 C . -13.68 -12.89 13.30
CAA Y01 D . -14.01 1.26 6.15
CBA Y01 D . -13.18 -0.01 6.18
CAB Y01 D . -12.66 -0.32 4.77
CAN Y01 D . -13.95 -1.21 6.74
CAJ Y01 D . -13.12 -2.41 7.15
CAO Y01 D . -12.52 -2.28 8.55
CBB Y01 D . -11.92 -3.56 9.13
CAC Y01 D . -10.47 -3.35 9.52
CBE Y01 D . -12.77 -4.10 10.29
CAP Y01 D . -14.27 -4.23 9.90
CAQ Y01 D . -14.84 -5.47 10.62
CBG Y01 D . -13.74 -5.83 11.60
CBI Y01 D . -12.42 -5.48 10.91
CAE Y01 D . -12.08 -6.47 9.79
CAU Y01 D . -11.36 -5.52 12.01
CAS Y01 D . -11.30 -6.87 12.72
CBF Y01 D . -12.66 -7.37 13.25
CBD Y01 D . -13.77 -7.23 12.21
CAK Y01 D . -15.14 -7.48 12.85
CAI Y01 D . -15.12 -8.61 13.81
CAZ Y01 D . -14.02 -9.16 14.33
CAV Y01 D . -14.16 -10.26 15.35
CBH Y01 D . -12.63 -8.80 13.85
CAD Y01 D . -12.19 -9.86 12.83
CAT Y01 D . -11.65 -8.82 15.05
CAR Y01 D . -11.80 -10.03 15.95
CBC Y01 D . -13.21 -10.04 16.51
OAW Y01 D . -13.33 -11.07 17.51
CAY Y01 D . -13.18 -12.36 17.19
OAG Y01 D . -12.20 -12.81 16.67
CAM Y01 D . -14.39 -13.16 17.59
CAL Y01 D . -15.66 -12.80 16.85
CAX Y01 D . -16.83 -13.79 17.01
OAH Y01 D . -16.86 -14.39 18.11
OAF Y01 D . -17.63 -13.91 16.08
CAA Y01 E . -14.69 -5.03 -6.71
CBA Y01 E . -13.97 -4.11 -7.69
CAB Y01 E . -13.01 -4.90 -8.57
CAN Y01 E . -13.23 -2.98 -6.98
CAJ Y01 E . -14.09 -1.77 -6.65
CAO Y01 E . -13.25 -0.53 -6.38
CBB Y01 E . -12.53 0.06 -7.60
CAC Y01 E . -13.47 0.97 -8.39
CBE Y01 E . -11.24 0.76 -7.16
CAP Y01 E . -10.23 -0.21 -6.52
CAQ Y01 E . -8.83 0.39 -6.76
CBG Y01 E . -9.13 1.76 -7.37
CBI Y01 E . -10.38 1.49 -8.22
CAE Y01 E . -10.11 0.57 -9.41
CAU Y01 E . -10.86 2.86 -8.70
CAS Y01 E . -9.78 3.59 -9.48
CBF Y01 E . -8.48 3.79 -8.70
CBD Y01 E . -7.99 2.49 -8.05
CAK Y01 E . -6.91 2.85 -7.05
CAI Y01 E . -5.93 3.85 -7.58
CAZ Y01 E . -6.08 4.51 -8.73
CAV Y01 E . -4.91 5.26 -9.33
CBH Y01 E . -7.37 4.46 -9.53
CAD Y01 E . -7.11 3.69 -10.82
CAT Y01 E . -7.67 5.93 -9.82
CAR Y01 E . -6.66 6.57 -10.75
CBC Y01 E . -5.23 6.47 -10.22
OAW Y01 E . -4.42 6.39 -11.40
CAY Y01 E . -3.72 7.44 -11.82
OAG Y01 E . -4.14 8.23 -12.61
CAM Y01 E . -2.36 7.48 -11.18
CAL Y01 E . -1.45 8.56 -11.75
CAX Y01 E . -1.14 8.41 -13.25
OAH Y01 E . -0.29 9.20 -13.71
OAF Y01 E . -1.75 7.53 -13.89
C1 NAG F . -3.04 -55.14 -5.06
C2 NAG F . -3.10 -54.49 -6.45
C3 NAG F . -4.43 -54.76 -7.15
C4 NAG F . -4.81 -56.24 -7.05
C5 NAG F . -4.76 -56.66 -5.58
C6 NAG F . -5.18 -58.09 -5.33
C7 NAG F . -2.06 -52.35 -7.14
C8 NAG F . -2.03 -50.87 -6.85
N2 NAG F . -2.90 -53.06 -6.37
O3 NAG F . -4.32 -54.35 -8.48
O4 NAG F . -6.10 -56.38 -7.59
O5 NAG F . -3.43 -56.49 -5.12
O6 NAG F . -4.19 -58.96 -5.80
O7 NAG F . -1.36 -52.84 -8.01
CAA Y01 G . -17.45 -8.90 1.97
CBA Y01 G . -17.26 -10.19 2.77
CAB Y01 G . -18.27 -11.24 2.31
CAN Y01 G . -17.40 -9.95 4.28
CAJ Y01 G . -16.28 -10.52 5.13
CAO Y01 G . -16.09 -12.02 4.95
CBB Y01 G . -17.27 -12.93 5.33
CAC Y01 G . -17.28 -14.17 4.46
CBE Y01 G . -17.24 -13.25 6.83
CAP Y01 G . -17.64 -12.01 7.68
CAQ Y01 G . -18.52 -12.51 8.84
CBG Y01 G . -18.20 -13.99 8.88
CBI Y01 G . -18.12 -14.40 7.40
CAE Y01 G . -19.50 -14.40 6.72
CAU Y01 G . -17.51 -15.80 7.38
CAS Y01 G . -18.23 -16.77 8.33
CBF Y01 G . -18.32 -16.27 9.77
CBD Y01 G . -19.01 -14.91 9.78
CAK Y01 G . -19.13 -14.32 11.19
CAI Y01 G . -19.17 -15.32 12.30
CAZ Y01 G . -19.01 -16.64 12.14
CAV Y01 G . -19.02 -17.53 13.37
CBH Y01 G . -18.92 -17.30 10.77
CAD Y01 G . -20.32 -17.76 10.36
CAT Y01 G . -17.97 -18.50 10.83
CAR Y01 G . -18.11 -19.40 12.05
CBC Y01 G . -17.92 -18.58 13.29
OAW Y01 G . -17.98 -19.48 14.40
CAY Y01 G . -17.01 -19.49 15.31
OAG Y01 G . -16.13 -18.66 15.38
CAM Y01 G . -17.16 -20.67 16.23
CAL Y01 G . -17.04 -22.01 15.53
CAX Y01 G . -17.94 -23.12 16.09
OAH Y01 G . -18.00 -23.17 17.34
OAF Y01 G . -18.51 -23.87 15.28
CAA Y01 H . 21.45 -16.87 -12.64
CBA Y01 H . 21.49 -18.21 -11.91
CAB Y01 H . 21.35 -19.36 -12.92
CAN Y01 H . 20.43 -18.31 -10.81
CAJ Y01 H . 18.98 -18.26 -11.26
CAO Y01 H . 18.44 -19.62 -11.68
CBB Y01 H . 17.17 -20.09 -10.96
CAC Y01 H . 16.30 -20.91 -11.91
CBE Y01 H . 17.54 -20.83 -9.66
CAP Y01 H . 18.11 -19.89 -8.57
CAQ Y01 H . 17.75 -20.49 -7.20
CBG Y01 H . 17.17 -21.86 -7.55
CBI Y01 H . 16.45 -21.62 -8.89
CAE Y01 H . 15.22 -20.72 -8.72
CAU Y01 H . 16.10 -23.00 -9.44
CAS Y01 H . 15.30 -23.85 -8.45
CBF Y01 H . 15.91 -23.96 -7.05
CBD Y01 H . 16.36 -22.60 -6.50
CAK Y01 H . 17.19 -22.80 -5.24
CAI Y01 H . 16.67 -23.87 -4.35
CAZ Y01 H . 15.69 -24.71 -4.67
CAV Y01 H . 15.09 -25.61 -3.62
CBH Y01 H . 15.03 -24.73 -6.04
CAD Y01 H . 13.63 -24.12 -5.91
CAT Y01 H . 14.91 -26.21 -6.47
CAR Y01 H . 14.20 -27.09 -5.45
CBC Y01 H . 14.93 -27.05 -4.12
OAW Y01 H . 14.15 -27.82 -3.18
CAY Y01 H . 14.60 -29.00 -2.79
OAG Y01 H . 15.04 -29.83 -3.55
CAM Y01 H . 14.48 -29.17 -1.30
CAL Y01 H . 13.06 -29.35 -0.82
CAX Y01 H . 12.32 -30.54 -1.45
OAH Y01 H . 12.89 -31.65 -1.33
OAF Y01 H . 11.23 -30.33 -2.00
CAA Y01 I . 14.88 -13.18 -4.89
CBA Y01 I . 14.75 -11.69 -4.60
CAB Y01 I . 13.27 -11.30 -4.53
CAN Y01 I . 15.48 -10.84 -5.65
CAJ Y01 I . 14.94 -10.95 -7.07
CAO Y01 I . 15.87 -10.29 -8.09
CBB Y01 I . 16.07 -8.78 -7.90
CAC Y01 I . 17.37 -8.51 -7.16
CBE Y01 I . 15.97 -8.09 -9.27
CAP Y01 I . 14.50 -7.99 -9.74
CAQ Y01 I . 14.39 -6.67 -10.53
CBG Y01 I . 15.84 -6.29 -10.78
CBI Y01 I . 16.52 -6.64 -9.44
CAE Y01 I . 16.02 -5.75 -8.30
CAU Y01 I . 18.02 -6.49 -9.66
CAS Y01 I . 18.39 -5.12 -10.26
CBF Y01 I . 17.65 -4.80 -11.56
CBD Y01 I . 16.13 -4.94 -11.38
CAK Y01 I . 15.41 -4.79 -12.71
CAI Y01 I . 16.01 -3.75 -13.60
CAZ Y01 I . 17.18 -3.15 -13.40
CAV Y01 I . 17.61 -2.04 -14.32
CBH Y01 I . 18.06 -3.45 -12.20
CAD Y01 I . 17.93 -2.28 -11.21
CAT Y01 I . 19.51 -3.54 -12.69
CAR Y01 I . 19.97 -2.38 -13.56
CBC Y01 I . 19.06 -2.22 -14.77
OAW Y01 I . 19.53 -1.08 -15.50
CAY Y01 I . 19.24 -0.93 -16.79
OAG Y01 I . 18.49 -0.08 -17.21
CAM Y01 I . 19.97 -1.94 -17.64
CAL Y01 I . 20.75 -1.33 -18.80
CAX Y01 I . 22.07 -0.66 -18.40
OAH Y01 I . 22.93 -1.40 -17.90
OAF Y01 I . 22.18 0.58 -18.61
C48 PGT J . 18.23 -8.71 -3.16
C47 PGT J . 17.79 -10.00 -2.48
C46 PGT J . 17.76 -9.90 -0.96
C45 PGT J . 17.24 -11.17 -0.27
C44 PGT J . 15.75 -11.40 -0.49
C43 PGT J . 15.26 -12.70 0.13
C42 PGT J . 14.48 -12.51 1.43
C41 PGT J . 15.25 -11.71 2.46
C40 PGT J . 14.62 -11.74 3.85
C39 PGT J . 14.85 -13.06 4.58
C38 PGT J . 14.32 -13.05 6.01
C37 PGT J . 14.86 -14.17 6.88
C36 PGT J . 14.20 -14.28 8.24
C35 PGT J . 14.00 -12.95 8.95
C34 PGT J . 15.28 -12.18 9.23
C33 PGT J . 15.72 -12.27 10.68
C32 PGT J . 16.09 -13.68 11.09
C31 PGT J . 14.96 -14.42 11.74
O31 PGT J . 14.13 -15.06 11.16
O2 PGT J . 14.99 -14.30 13.07
C2 PGT J . 14.57 -15.40 13.87
C1 PGT J . 13.20 -15.16 14.47
O3P PGT J . 12.49 -16.36 14.67
P PGT J . 12.28 -16.89 16.20
O1P PGT J . 13.32 -17.92 16.52
O2P PGT J . 12.06 -15.77 17.15
O4P PGT J . 10.86 -17.65 15.85
C4 PGT J . 9.90 -17.75 16.88
C5 PGT J . 10.36 -18.81 17.88
O5 PGT J . 11.21 -18.28 18.86
C6 PGT J . 10.97 -19.98 17.15
O6 PGT J . 12.37 -19.84 17.16
C3 PGT J . 15.67 -15.67 14.86
O3 PGT J . 16.67 -16.49 14.26
C11 PGT J . 17.94 -16.12 14.32
O11 PGT J . 18.34 -15.21 15.01
C12 PGT J . 18.79 -16.98 13.44
C13 PGT J . 19.50 -16.21 12.33
C14 PGT J . 19.97 -17.13 11.23
C15 PGT J . 20.75 -16.42 10.12
C16 PGT J . 19.99 -16.33 8.82
C17 PGT J . 18.86 -15.31 8.86
C18 PGT J . 19.33 -13.88 8.68
C19 PGT J . 19.01 -13.30 7.31
C20 PGT J . 19.67 -14.05 6.16
C21 PGT J . 19.28 -13.53 4.79
C22 PGT J . 19.66 -12.07 4.55
C23 PGT J . 18.49 -11.11 4.76
C24 PGT J . 18.92 -9.65 4.85
C25 PGT J . 17.77 -8.68 5.06
C26 PGT J . 16.97 -8.44 3.79
CAA Y01 K . 9.76 -1.81 3.50
CBA Y01 K . 8.97 -1.79 2.20
CAB Y01 K . 8.84 -0.36 1.67
CAN Y01 K . 7.59 -2.43 2.34
CAJ Y01 K . 6.55 -1.63 3.11
CAO Y01 K . 5.98 -2.41 4.30
CBB Y01 K . 6.97 -2.78 5.40
CAC Y01 K . 7.58 -1.53 6.03
CBE Y01 K . 6.28 -3.67 6.44
CAP Y01 K . 5.89 -5.05 5.86
CAQ Y01 K . 5.93 -6.06 7.01
CBG Y01 K . 6.18 -5.20 8.24
CBI Y01 K . 7.04 -4.04 7.73
CAE Y01 K . 8.47 -4.47 7.42
CAU Y01 K . 7.01 -3.00 8.85
CAS Y01 K . 7.55 -3.58 10.16
CBF Y01 K . 6.83 -4.85 10.63
CBD Y01 K . 6.69 -5.88 9.50
CAK Y01 K . 5.73 -6.97 9.95
CAI Y01 K . 6.01 -7.42 11.34
CAZ Y01 K . 6.88 -6.84 12.15
CAV Y01 K . 7.20 -7.47 13.49
CBH Y01 K . 7.46 -5.46 11.90
CAD Y01 K . 8.99 -5.56 11.80
CAT Y01 K . 7.11 -4.59 13.12
CAR Y01 K . 7.58 -5.19 14.45
CBC Y01 K . 6.91 -6.53 14.65
OAW Y01 K . 7.43 -7.08 15.86
CAY Y01 K . 6.62 -7.79 16.63
OAG Y01 K . 5.42 -7.80 16.50
CAM Y01 K . 7.36 -8.59 17.66
CAL Y01 K . 8.80 -8.19 17.89
CAX Y01 K . 9.57 -9.14 18.82
OAH Y01 K . 9.29 -9.04 20.03
OAF Y01 K . 10.39 -9.92 18.32
CAA Y01 L . 13.15 -7.54 2.53
CBA Y01 L . 12.19 -7.08 3.63
CAB Y01 L . 11.85 -5.61 3.42
CAN Y01 L . 12.77 -7.30 5.03
CAJ Y01 L . 11.77 -7.22 6.18
CAO Y01 L . 11.02 -8.53 6.40
CBB Y01 L . 10.23 -8.61 7.72
CAC Y01 L . 8.77 -8.93 7.44
CBE Y01 L . 10.87 -9.63 8.68
CAP Y01 L . 12.38 -9.34 8.87
CAQ Y01 L . 12.74 -9.68 10.33
CBG Y01 L . 11.50 -10.39 10.85
CBI Y01 L . 10.32 -9.73 10.13
CAE Y01 L . 10.02 -8.33 10.68
CAU Y01 L . 9.12 -10.66 10.36
CAS Y01 L . 8.86 -10.89 11.85
CBF Y01 L . 10.08 -11.35 12.66
CBD Y01 L . 11.33 -10.51 12.35
CAK Y01 L . 12.57 -11.15 12.96
CAI Y01 L . 12.33 -11.68 14.33
CAZ Y01 L . 11.13 -11.91 14.86
CAV Y01 L . 11.04 -12.57 16.22
CBH Y01 L . 9.84 -11.47 14.20
CAD Y01 L . 9.42 -10.13 14.82
CAT Y01 L . 8.73 -12.51 14.44
CAR Y01 L . 8.67 -13.05 15.87
CBC Y01 L . 10.01 -13.67 16.19
OAW Y01 L . 9.93 -14.38 17.45
CAY Y01 L . 9.59 -13.75 18.58
OAG Y01 L . 8.54 -13.15 18.71
CAM Y01 L . 10.65 -13.89 19.63
CAL Y01 L . 12.00 -13.33 19.23
CAX Y01 L . 13.04 -13.29 20.37
OAH Y01 L . 12.87 -14.12 21.29
OAF Y01 L . 13.96 -12.45 20.29
CAA Y01 M . 14.92 6.53 4.65
CBA Y01 M . 14.42 7.23 3.38
CAB Y01 M . 13.51 8.40 3.73
CAN Y01 M . 13.70 6.27 2.44
CAJ Y01 M . 14.62 5.50 1.50
CAO Y01 M . 13.89 4.93 0.30
CBB Y01 M . 13.40 5.96 -0.71
CAC Y01 M . 14.51 6.33 -1.68
CBE Y01 M . 12.13 5.45 -1.42
CAP Y01 M . 10.95 5.25 -0.43
CAQ Y01 M . 9.66 5.42 -1.25
CBG Y01 M . 10.16 5.54 -2.68
CBI Y01 M . 11.48 6.31 -2.54
CAE Y01 M . 11.29 7.74 -2.05
CAU Y01 M . 12.16 6.27 -3.91
CAS Y01 M . 11.26 6.89 -4.97
CBF Y01 M . 9.90 6.20 -5.10
CBD Y01 M . 9.20 6.06 -3.74
CAK Y01 M . 8.04 5.09 -3.91
CAI Y01 M . 7.23 5.37 -5.14
CAZ Y01 M . 7.59 6.23 -6.09
CAV Y01 M . 6.59 6.66 -7.15
CBH Y01 M . 8.96 6.88 -6.12
CAD Y01 M . 8.81 8.37 -5.83
CAT Y01 M . 9.44 6.65 -7.56
CAR Y01 M . 8.63 7.43 -8.58
CBC Y01 M . 7.15 7.09 -8.51
OAW Y01 M . 6.49 8.30 -8.90
CAY Y01 M . 5.95 8.43 -10.12
OAG Y01 M . 6.54 8.89 -11.06
CAM Y01 M . 4.53 7.95 -10.15
CAL Y01 M . 3.81 8.23 -11.45
CAX Y01 M . 3.68 9.73 -11.80
OAH Y01 M . 2.98 9.99 -12.79
OAF Y01 M . 4.29 10.54 -11.08
C1 NAG N . -1.61 22.04 50.84
C2 NAG N . -1.32 23.14 49.82
C3 NAG N . 0.06 23.76 50.05
C4 NAG N . 0.28 24.10 51.51
C5 NAG N . 0.00 22.86 52.35
C6 NAG N . 0.25 23.03 53.83
C7 NAG N . -2.04 23.20 47.45
C8 NAG N . -1.96 22.44 46.15
N2 NAG N . -1.38 22.62 48.48
O3 NAG N . 0.17 24.89 49.24
O4 NAG N . 1.62 24.54 51.65
O5 NAG N . -1.35 22.50 52.15
O6 NAG N . -0.76 23.84 54.39
O7 NAG N . -2.66 24.25 47.56
CAA Y01 O . 16.12 -0.68 11.30
CBA Y01 O . 15.71 -1.01 12.73
CAB Y01 O . 16.67 -0.34 13.72
CAN Y01 O . 15.67 -2.51 12.99
CAJ Y01 O . 14.39 -3.03 13.63
CAO Y01 O . 14.07 -2.38 14.97
CBB Y01 O . 15.11 -2.57 16.10
CAC Y01 O . 15.12 -1.34 17.01
CBE Y01 O . 14.84 -3.88 16.86
CAP Y01 O . 15.25 -5.11 15.98
CAQ Y01 O . 15.90 -6.13 16.92
CBG Y01 O . 15.43 -5.68 18.29
CBI Y01 O . 15.52 -4.14 18.22
CAE Y01 O . 16.97 -3.63 18.20
CAU Y01 O . 14.78 -3.62 19.46
CAS Y01 O . 15.28 -4.28 20.75
CBF Y01 O . 15.22 -5.80 20.73
CBD Y01 O . 16.02 -6.33 19.53
CAK Y01 O . 15.98 -7.85 19.43
CAI Y01 O . 15.84 -8.56 20.73
CAZ Y01 O . 15.57 -7.98 21.90
CAV Y01 O . 15.35 -8.84 23.11
CBH Y01 O . 15.60 -6.47 22.08
CAD Y01 O . 16.99 -6.06 22.57
CAT Y01 O . 14.55 -6.05 23.12
CAR Y01 O . 14.45 -6.93 24.36
CBC Y01 O . 14.17 -8.35 23.94
OAW Y01 O . 14.02 -9.12 25.13
CAY Y01 O . 12.93 -9.87 25.31
OAG Y01 O . 12.14 -10.12 24.42
CAM Y01 O . 12.84 -10.37 26.72
CAL Y01 O . 12.67 -9.26 27.73
CAX Y01 O . 13.37 -9.51 29.08
OAH Y01 O . 13.30 -10.68 29.52
OAF Y01 O . 13.95 -8.54 29.63
CAA Y01 P . -21.10 19.30 9.19
CBA Y01 P . -21.37 19.06 10.69
CAB Y01 P . -21.21 20.36 11.47
CAN Y01 P . -20.47 17.95 11.26
CAJ Y01 P . -18.97 18.22 11.26
CAO Y01 P . -18.52 19.00 12.49
CBB Y01 P . -17.40 18.36 13.33
CAC Y01 P . -16.51 19.44 13.93
CBE Y01 P . -18.01 17.40 14.37
CAP Y01 P . -18.62 16.12 13.73
CAQ Y01 P . -18.51 14.99 14.77
CBG Y01 P . -18.02 15.71 16.03
CBI Y01 P . -17.11 16.82 15.49
CAE Y01 P . -15.84 16.26 14.88
CAU Y01 P . -16.84 17.75 16.69
CAS Y01 P . -16.27 17.00 17.89
CBF Y01 P . -17.07 15.78 18.33
CBD Y01 P . -17.44 14.87 17.15
CAK Y01 P . -18.45 13.82 17.62
CAI Y01 P . -18.14 13.27 18.97
CAZ Y01 P . -17.23 13.75 19.81
CAV Y01 P . -16.86 12.99 21.05
CBH Y01 P . -16.40 14.99 19.49
CAD Y01 P . -14.97 14.53 19.14
CAT Y01 P . -16.35 15.85 20.76
CAR Y01 P . -15.87 15.11 22.00
CBC Y01 P . -16.76 13.90 22.27
OAW Y01 P . -16.19 13.18 23.38
CAY Y01 P . -16.79 13.24 24.56
OAG Y01 P . -17.19 14.27 25.07
CAM Y01 P . -16.89 11.88 25.19
CAL Y01 P . -15.57 11.34 25.70
CAX Y01 P . -14.88 12.23 26.74
OAH Y01 P . -15.56 12.54 27.73
OAF Y01 P . -13.71 12.59 26.51
CAA Y01 Q . -15.28 10.22 8.98
CBA Y01 Q . -15.05 9.46 7.67
CAB Y01 Q . -13.57 9.12 7.52
CAN Y01 Q . -15.55 10.24 6.46
CAJ Y01 Q . -14.84 11.56 6.19
CAO Y01 Q . -15.56 12.40 5.14
CBB Y01 Q . -15.64 11.76 3.74
CAC Y01 Q . -17.00 11.10 3.54
CBE Y01 Q . -15.31 12.83 2.69
CAP Y01 Q . -13.79 13.12 2.64
CAQ Y01 Q . -13.44 13.44 1.19
CBG Y01 Q . -14.80 13.69 0.56
CBI Y01 Q . -15.68 12.60 1.20
CAE Y01 Q . -15.25 11.19 0.76
CAU Y01 Q . -17.12 12.89 0.78
CAS Y01 Q . -17.26 13.05 -0.74
CBF Y01 Q . -16.34 14.11 -1.34
CBD Y01 Q . -14.89 13.85 -0.94
CAK Y01 Q . -14.00 15.01 -1.39
CAI Y01 Q . -14.36 15.57 -2.71
CAZ Y01 Q . -15.48 15.29 -3.39
CAV Y01 Q . -15.68 15.85 -4.77
CBH Y01 Q . -16.52 14.32 -2.87
CAD Y01 Q . -16.41 13.01 -3.64
CAT Y01 Q . -17.91 14.95 -3.12
CAR Y01 Q . -18.13 15.44 -4.55
CBC Y01 Q . -17.07 16.45 -4.92
OAW Y01 Q . -17.32 16.82 -6.29
CAY Y01 Q . -16.85 17.96 -6.79
OAG Y01 Q . -15.97 18.00 -7.62
CAM Y01 Q . -17.55 19.16 -6.21
CAL Y01 Q . -18.10 20.12 -7.24
CAX Y01 Q . -19.39 19.65 -7.93
OAH Y01 Q . -20.39 19.52 -7.19
OAF Y01 Q . -19.36 19.45 -9.17
C48 PGT R . -18.38 7.47 4.83
C47 PGT R . -18.16 7.20 6.32
C46 PGT R . -18.32 5.73 6.69
C45 PGT R . -18.03 5.44 8.15
C44 PGT R . -16.55 5.58 8.52
C43 PGT R . -16.26 5.36 10.00
C42 PGT R . -15.65 4.00 10.31
C41 PGT R . -16.48 2.84 9.77
C40 PGT R . -16.04 1.49 10.32
C39 PGT R . -16.49 1.24 11.75
C38 PGT R . -16.14 -0.16 12.24
C37 PGT R . -16.91 -0.56 13.50
C36 PGT R . -16.45 -1.89 14.11
C35 PGT R . -16.21 -3.00 13.09
C34 PGT R . -17.44 -3.38 12.28
C33 PGT R . -18.07 -4.68 12.74
C32 PGT R . -18.63 -4.59 14.15
C31 PGT R . -17.67 -5.07 15.20
O31 PGT R . -16.84 -4.40 15.73
O2 PGT R . -17.86 -6.35 15.49
C2 PGT R . -17.66 -6.79 16.83
C1 PGT R . -16.34 -7.56 16.95
O3P PGT R . -15.80 -7.46 18.24
P PGT R . -15.79 -8.80 19.19
O1P PGT R . -16.99 -8.79 20.08
O2P PGT R . -15.49 -10.02 18.40
O4P PGT R . -14.47 -8.31 20.04
C4 PGT R . -13.65 -9.32 20.59
C5 PGT R . -14.33 -9.91 21.82
O5 PGT R . -15.25 -10.93 21.50
C6 PGT R . -14.98 -8.79 22.62
O6 PGT R . -16.33 -8.71 22.30
C3 PGT R . -18.89 -7.55 17.24
O3 PGT R . -19.87 -6.63 17.70
C11 PGT R . -21.10 -6.69 17.20
O11 PGT R . -21.50 -7.59 16.49
C12 PGT R . -21.92 -5.50 17.62
C13 PGT R . -22.39 -4.64 16.46
C14 PGT R . -22.80 -3.25 16.93
C15 PGT R . -23.36 -2.37 15.83
C16 PGT R . -22.42 -1.23 15.43
C17 PGT R . -21.21 -1.70 14.63
C18 PGT R . -21.52 -1.95 13.15
C19 PGT R . -20.96 -0.86 12.24
C20 PGT R . -21.55 0.52 12.51
C21 PGT R . -20.92 1.61 11.66
C22 PGT R . -21.12 1.40 10.16
C23 PGT R . -19.92 0.78 9.47
C24 PGT R . -20.21 0.29 8.06
C25 PGT R . -19.00 -0.34 7.37
C26 PGT R . -18.01 0.71 6.86
#